data_2NCR
# 
_entry.id   2NCR 
# 
_audit_conform.dict_name       mmcif_pdbx.dic 
_audit_conform.dict_version    5.392 
_audit_conform.dict_location   http://mmcif.pdb.org/dictionaries/ascii/mmcif_pdbx.dic 
# 
loop_
_database_2.database_code 
_database_2.database_id 
_database_2.pdbx_database_accession 
_database_2.pdbx_DOI 
RCSB104701   RCSB  ?            ?                   
2NCR         PDB   pdb_00002ncr 10.2210/pdb2ncr/pdb 
26033        BMRB  ?            10.13018/BMR26033   
D_1000104701 WWPDB ?            ?                   
# 
loop_
_pdbx_audit_revision_history.ordinal 
_pdbx_audit_revision_history.data_content_type 
_pdbx_audit_revision_history.major_revision 
_pdbx_audit_revision_history.minor_revision 
_pdbx_audit_revision_history.revision_date 
1 'Structure model' 1 0 2017-04-19 
2 'Structure model' 1 1 2021-07-07 
3 'Structure model' 1 2 2023-06-14 
4 'Structure model' 1 3 2024-05-15 
# 
_pdbx_audit_revision_details.ordinal             1 
_pdbx_audit_revision_details.revision_ordinal    1 
_pdbx_audit_revision_details.data_content_type   'Structure model' 
_pdbx_audit_revision_details.provider            repository 
_pdbx_audit_revision_details.type                'Initial release' 
_pdbx_audit_revision_details.description         ? 
_pdbx_audit_revision_details.details             ? 
# 
loop_
_pdbx_audit_revision_group.ordinal 
_pdbx_audit_revision_group.revision_ordinal 
_pdbx_audit_revision_group.data_content_type 
_pdbx_audit_revision_group.group 
1 2 'Structure model' 'Data collection'          
2 2 'Structure model' 'Derived calculations'     
3 2 'Structure model' 'Experimental preparation' 
4 2 'Structure model' 'Refinement description'   
5 3 'Structure model' 'Database references'      
6 3 'Structure model' Other                      
7 4 'Structure model' 'Data collection'          
8 4 'Structure model' 'Database references'      
# 
loop_
_pdbx_audit_revision_category.ordinal 
_pdbx_audit_revision_category.revision_ordinal 
_pdbx_audit_revision_category.data_content_type 
_pdbx_audit_revision_category.category 
1  2 'Structure model' ndb_struct_conf_na      
2  2 'Structure model' pdbx_nmr_exptl_sample   
3  2 'Structure model' pdbx_nmr_refine         
4  2 'Structure model' pdbx_nmr_sample_details 
5  2 'Structure model' pdbx_nmr_software       
6  2 'Structure model' pdbx_nmr_spectrometer   
7  3 'Structure model' database_2              
8  3 'Structure model' pdbx_database_status    
9  4 'Structure model' chem_comp_atom          
10 4 'Structure model' chem_comp_bond          
11 4 'Structure model' database_2              
# 
loop_
_pdbx_audit_revision_item.ordinal 
_pdbx_audit_revision_item.revision_ordinal 
_pdbx_audit_revision_item.data_content_type 
_pdbx_audit_revision_item.item 
1  2 'Structure model' '_pdbx_nmr_exptl_sample.isotopic_labeling'   
2  2 'Structure model' '_pdbx_nmr_refine.software_ordinal'          
3  2 'Structure model' '_pdbx_nmr_sample_details.contents'          
4  2 'Structure model' '_pdbx_nmr_software.authors'                 
5  2 'Structure model' '_pdbx_nmr_software.name'                    
6  2 'Structure model' '_pdbx_nmr_spectrometer.manufacturer'        
7  2 'Structure model' '_pdbx_nmr_spectrometer.model'               
8  2 'Structure model' '_pdbx_nmr_spectrometer.type'                
9  3 'Structure model' '_database_2.pdbx_DOI'                       
10 3 'Structure model' '_database_2.pdbx_database_accession'        
11 3 'Structure model' '_pdbx_database_status.status_code_nmr_data' 
12 4 'Structure model' '_database_2.pdbx_DOI'                       
# 
_pdbx_database_status.deposit_site                    BMRB 
_pdbx_database_status.entry_id                        2NCR 
_pdbx_database_status.process_site                    RCSB 
_pdbx_database_status.recvd_initial_deposition_date   2016-04-12 
_pdbx_database_status.SG_entry                        ? 
_pdbx_database_status.status_code                     REL 
_pdbx_database_status.status_code_mr                  REL 
_pdbx_database_status.status_code_sf                  ? 
_pdbx_database_status.status_code_cs                  REL 
_pdbx_database_status.methods_development_category    ? 
_pdbx_database_status.pdb_format_compatible           Y 
_pdbx_database_status.status_code_nmr_data            REL 
# 
loop_
_pdbx_database_related.content_type 
_pdbx_database_related.db_id 
_pdbx_database_related.db_name 
_pdbx_database_related.details 
unspecified 2ncq  PDB  . 
unspecified 26033 BMRB . 
# 
loop_
_audit_author.name 
_audit_author.pdbx_ordinal 
'Kumar, A.'    1 
'Mishra, S.K.' 2 
# 
_citation.id                        primary 
_citation.title                     
;Structural insights reveal the dynamics of the repeating r(CGG) motif found in Fragile X Syndrome and Fragile-X associated tremor/ataxia syndrome (FXTAS)
;
_citation.journal_abbrev            'To be Published' 
_citation.journal_volume            ? 
_citation.page_first                ? 
_citation.page_last                 ? 
_citation.year                      ? 
_citation.journal_id_ASTM           ? 
_citation.country                   ? 
_citation.journal_id_ISSN           ? 
_citation.journal_id_CSD            0353 
_citation.book_publisher            ? 
_citation.pdbx_database_id_PubMed   ? 
_citation.pdbx_database_id_DOI      ? 
# 
loop_
_citation_author.citation_id 
_citation_author.name 
_citation_author.ordinal 
_citation_author.identifier_ORCID 
primary 'Mishra, S.K.' 1 ? 
primary 'Kumar, A.'    2 ? 
# 
_entity.id                         1 
_entity.type                       polymer 
_entity.src_method                 syn 
_entity.pdbx_description           "RNA_(5'-R(P*CP*CP*GP*CP*GP*GP*CP*GP*G)-3')" 
_entity.formula_weight             2901.799 
_entity.pdbx_number_of_molecules   2 
_entity.pdbx_ec                    ? 
_entity.pdbx_mutation              ? 
_entity.pdbx_fragment              ? 
_entity.details                    ? 
# 
_entity_poly.entity_id                      1 
_entity_poly.type                           polyribonucleotide 
_entity_poly.nstd_linkage                   no 
_entity_poly.nstd_monomer                   no 
_entity_poly.pdbx_seq_one_letter_code       CCGCGGCGG 
_entity_poly.pdbx_seq_one_letter_code_can   CCGCGGCGG 
_entity_poly.pdbx_strand_id                 S,A 
_entity_poly.pdbx_target_identifier         ? 
# 
loop_
_entity_poly_seq.entity_id 
_entity_poly_seq.num 
_entity_poly_seq.mon_id 
_entity_poly_seq.hetero 
1 1 C n 
1 2 C n 
1 3 G n 
1 4 C n 
1 5 G n 
1 6 G n 
1 7 C n 
1 8 G n 
1 9 G n 
# 
_pdbx_entity_src_syn.entity_id              1 
_pdbx_entity_src_syn.pdbx_src_id            1 
_pdbx_entity_src_syn.pdbx_alt_source_flag   sample 
_pdbx_entity_src_syn.pdbx_beg_seq_num       ? 
_pdbx_entity_src_syn.pdbx_end_seq_num       ? 
_pdbx_entity_src_syn.organism_scientific    'synthetic construct' 
_pdbx_entity_src_syn.organism_common_name   ? 
_pdbx_entity_src_syn.ncbi_taxonomy_id       32630 
_pdbx_entity_src_syn.details                ? 
# 
loop_
_chem_comp.id 
_chem_comp.type 
_chem_comp.mon_nstd_flag 
_chem_comp.name 
_chem_comp.pdbx_synonyms 
_chem_comp.formula 
_chem_comp.formula_weight 
C 'RNA linking' y "CYTIDINE-5'-MONOPHOSPHATE"  ? 'C9 H14 N3 O8 P'  323.197 
G 'RNA linking' y "GUANOSINE-5'-MONOPHOSPHATE" ? 'C10 H14 N5 O8 P' 363.221 
# 
loop_
_pdbx_poly_seq_scheme.asym_id 
_pdbx_poly_seq_scheme.entity_id 
_pdbx_poly_seq_scheme.seq_id 
_pdbx_poly_seq_scheme.mon_id 
_pdbx_poly_seq_scheme.ndb_seq_num 
_pdbx_poly_seq_scheme.pdb_seq_num 
_pdbx_poly_seq_scheme.auth_seq_num 
_pdbx_poly_seq_scheme.pdb_mon_id 
_pdbx_poly_seq_scheme.auth_mon_id 
_pdbx_poly_seq_scheme.pdb_strand_id 
_pdbx_poly_seq_scheme.pdb_ins_code 
_pdbx_poly_seq_scheme.hetero 
A 1 1 C 1 1 1 C C S . n 
A 1 2 C 2 2 2 C C S . n 
A 1 3 G 3 3 3 G G S . n 
A 1 4 C 4 4 4 C C S . n 
A 1 5 G 5 5 5 G G S . n 
A 1 6 G 6 6 6 G G S . n 
A 1 7 C 7 7 7 C C S . n 
A 1 8 G 8 8 8 G G S . n 
A 1 9 G 9 9 9 G G S . n 
B 1 1 C 1 1 1 C C A . n 
B 1 2 C 2 2 2 C C A . n 
B 1 3 G 3 3 3 G G A . n 
B 1 4 C 4 4 4 C C A . n 
B 1 5 G 5 5 5 G G A . n 
B 1 6 G 6 6 6 G G A . n 
B 1 7 C 7 7 7 C C A . n 
B 1 8 G 8 8 8 G G A . n 
B 1 9 G 9 9 9 G G A . n 
# 
_exptl.absorpt_coefficient_mu     ? 
_exptl.absorpt_correction_T_max   ? 
_exptl.absorpt_correction_T_min   ? 
_exptl.absorpt_correction_type    ? 
_exptl.absorpt_process_details    ? 
_exptl.crystals_number            ? 
_exptl.details                    ? 
_exptl.entry_id                   2NCR 
_exptl.method                     'SOLUTION NMR' 
_exptl.method_details             ? 
# 
_struct.entry_id                  2NCR 
_struct.title                     
'Structural insight for dynamics of r(CGG) motif RNA found in Fragile X syndrome/ Fragile X tremor ataxia at 25 degree C' 
_struct.pdbx_model_details        'lowest energy, model1' 
_struct.pdbx_CASP_flag            ? 
_struct.pdbx_model_type_details   ? 
# 
_struct_keywords.entry_id        2NCR 
_struct_keywords.pdbx_keywords   RNA 
_struct_keywords.text            'r(CGG), RNA, Fragile- X syndrome, Fragile-X tremor ataxia' 
# 
loop_
_struct_asym.id 
_struct_asym.pdbx_blank_PDB_chainid_flag 
_struct_asym.pdbx_modified 
_struct_asym.entity_id 
_struct_asym.details 
A N N 1 ? 
B N N 1 ? 
# 
_struct_ref.id                         1 
_struct_ref.db_name                    PDB 
_struct_ref.db_code                    2NCR 
_struct_ref.pdbx_db_accession          2NCR 
_struct_ref.entity_id                  1 
_struct_ref.pdbx_align_begin           ? 
_struct_ref.pdbx_seq_one_letter_code   ? 
_struct_ref.pdbx_db_isoform            ? 
# 
loop_
_struct_ref_seq.align_id 
_struct_ref_seq.ref_id 
_struct_ref_seq.pdbx_PDB_id_code 
_struct_ref_seq.pdbx_strand_id 
_struct_ref_seq.seq_align_beg 
_struct_ref_seq.pdbx_seq_align_beg_ins_code 
_struct_ref_seq.seq_align_end 
_struct_ref_seq.pdbx_seq_align_end_ins_code 
_struct_ref_seq.pdbx_db_accession 
_struct_ref_seq.db_align_beg 
_struct_ref_seq.pdbx_db_align_beg_ins_code 
_struct_ref_seq.db_align_end 
_struct_ref_seq.pdbx_db_align_end_ins_code 
_struct_ref_seq.pdbx_auth_seq_align_beg 
_struct_ref_seq.pdbx_auth_seq_align_end 
1 1 2NCR S 1 ? 9 ? 2NCR 1 ? 9 ? 1 9 
2 1 2NCR A 1 ? 9 ? 2NCR 1 ? 9 ? 1 9 
# 
_pdbx_struct_assembly.id                   1 
_pdbx_struct_assembly.details              author_defined_assembly 
_pdbx_struct_assembly.method_details       ? 
_pdbx_struct_assembly.oligomeric_details   dimeric 
_pdbx_struct_assembly.oligomeric_count     2 
# 
_pdbx_struct_assembly_gen.assembly_id       1 
_pdbx_struct_assembly_gen.oper_expression   1 
_pdbx_struct_assembly_gen.asym_id_list      A,B 
# 
_pdbx_struct_oper_list.id                   1 
_pdbx_struct_oper_list.type                 'identity operation' 
_pdbx_struct_oper_list.name                 1_555 
_pdbx_struct_oper_list.symmetry_operation   x,y,z 
_pdbx_struct_oper_list.matrix[1][1]         1.0000000000 
_pdbx_struct_oper_list.matrix[1][2]         0.0000000000 
_pdbx_struct_oper_list.matrix[1][3]         0.0000000000 
_pdbx_struct_oper_list.vector[1]            0.0000000000 
_pdbx_struct_oper_list.matrix[2][1]         0.0000000000 
_pdbx_struct_oper_list.matrix[2][2]         1.0000000000 
_pdbx_struct_oper_list.matrix[2][3]         0.0000000000 
_pdbx_struct_oper_list.vector[2]            0.0000000000 
_pdbx_struct_oper_list.matrix[3][1]         0.0000000000 
_pdbx_struct_oper_list.matrix[3][2]         0.0000000000 
_pdbx_struct_oper_list.matrix[3][3]         1.0000000000 
_pdbx_struct_oper_list.vector[3]            0.0000000000 
# 
loop_
_struct_conn.id 
_struct_conn.conn_type_id 
_struct_conn.pdbx_leaving_atom_flag 
_struct_conn.pdbx_PDB_id 
_struct_conn.ptnr1_label_asym_id 
_struct_conn.ptnr1_label_comp_id 
_struct_conn.ptnr1_label_seq_id 
_struct_conn.ptnr1_label_atom_id 
_struct_conn.pdbx_ptnr1_label_alt_id 
_struct_conn.pdbx_ptnr1_PDB_ins_code 
_struct_conn.pdbx_ptnr1_standard_comp_id 
_struct_conn.ptnr1_symmetry 
_struct_conn.ptnr2_label_asym_id 
_struct_conn.ptnr2_label_comp_id 
_struct_conn.ptnr2_label_seq_id 
_struct_conn.ptnr2_label_atom_id 
_struct_conn.pdbx_ptnr2_label_alt_id 
_struct_conn.pdbx_ptnr2_PDB_ins_code 
_struct_conn.ptnr1_auth_asym_id 
_struct_conn.ptnr1_auth_comp_id 
_struct_conn.ptnr1_auth_seq_id 
_struct_conn.ptnr2_auth_asym_id 
_struct_conn.ptnr2_auth_comp_id 
_struct_conn.ptnr2_auth_seq_id 
_struct_conn.ptnr2_symmetry 
_struct_conn.pdbx_ptnr3_label_atom_id 
_struct_conn.pdbx_ptnr3_label_seq_id 
_struct_conn.pdbx_ptnr3_label_comp_id 
_struct_conn.pdbx_ptnr3_label_asym_id 
_struct_conn.pdbx_ptnr3_label_alt_id 
_struct_conn.pdbx_ptnr3_PDB_ins_code 
_struct_conn.details 
_struct_conn.pdbx_dist_value 
_struct_conn.pdbx_value_order 
_struct_conn.pdbx_role 
hydrog1  hydrog ? ? A C 1 N3 ? ? ? 1_555 B G 9 N1 ? ? S C 1 A G 9 1_555 ? ? ? ? ? ? WATSON-CRICK  ? ? ? 
hydrog2  hydrog ? ? A C 1 N4 ? ? ? 1_555 B G 9 O6 ? ? S C 1 A G 9 1_555 ? ? ? ? ? ? WATSON-CRICK  ? ? ? 
hydrog3  hydrog ? ? A C 1 O2 ? ? ? 1_555 B G 9 N2 ? ? S C 1 A G 9 1_555 ? ? ? ? ? ? WATSON-CRICK  ? ? ? 
hydrog4  hydrog ? ? A C 2 N3 ? ? ? 1_555 B G 8 N1 ? ? S C 2 A G 8 1_555 ? ? ? ? ? ? WATSON-CRICK  ? ? ? 
hydrog5  hydrog ? ? A C 2 N4 ? ? ? 1_555 B G 8 O6 ? ? S C 2 A G 8 1_555 ? ? ? ? ? ? WATSON-CRICK  ? ? ? 
hydrog6  hydrog ? ? A C 2 O2 ? ? ? 1_555 B G 8 N2 ? ? S C 2 A G 8 1_555 ? ? ? ? ? ? WATSON-CRICK  ? ? ? 
hydrog7  hydrog ? ? A G 3 N1 ? ? ? 1_555 B C 7 N3 ? ? S G 3 A C 7 1_555 ? ? ? ? ? ? WATSON-CRICK  ? ? ? 
hydrog8  hydrog ? ? A G 3 N2 ? ? ? 1_555 B C 7 O2 ? ? S G 3 A C 7 1_555 ? ? ? ? ? ? WATSON-CRICK  ? ? ? 
hydrog9  hydrog ? ? A G 3 O6 ? ? ? 1_555 B C 7 N4 ? ? S G 3 A C 7 1_555 ? ? ? ? ? ? WATSON-CRICK  ? ? ? 
hydrog10 hydrog ? ? A C 4 N3 ? ? ? 1_555 B G 6 N1 ? ? S C 4 A G 6 1_555 ? ? ? ? ? ? WATSON-CRICK  ? ? ? 
hydrog11 hydrog ? ? A C 4 N4 ? ? ? 1_555 B G 6 O6 ? ? S C 4 A G 6 1_555 ? ? ? ? ? ? WATSON-CRICK  ? ? ? 
hydrog12 hydrog ? ? A C 4 O2 ? ? ? 1_555 B G 6 N2 ? ? S C 4 A G 6 1_555 ? ? ? ? ? ? WATSON-CRICK  ? ? ? 
hydrog13 hydrog ? ? A G 5 N1 ? ? ? 1_555 B G 5 O6 ? ? S G 5 A G 5 1_555 ? ? ? ? ? ? 'G-G MISPAIR' ? ? ? 
hydrog14 hydrog ? ? A G 6 N1 ? ? ? 1_555 B C 4 N3 ? ? S G 6 A C 4 1_555 ? ? ? ? ? ? WATSON-CRICK  ? ? ? 
hydrog15 hydrog ? ? A G 6 N2 ? ? ? 1_555 B C 4 O2 ? ? S G 6 A C 4 1_555 ? ? ? ? ? ? WATSON-CRICK  ? ? ? 
hydrog16 hydrog ? ? A G 6 O6 ? ? ? 1_555 B C 4 N4 ? ? S G 6 A C 4 1_555 ? ? ? ? ? ? WATSON-CRICK  ? ? ? 
hydrog17 hydrog ? ? A C 7 N3 ? ? ? 1_555 B G 3 N1 ? ? S C 7 A G 3 1_555 ? ? ? ? ? ? WATSON-CRICK  ? ? ? 
hydrog18 hydrog ? ? A C 7 N4 ? ? ? 1_555 B G 3 O6 ? ? S C 7 A G 3 1_555 ? ? ? ? ? ? WATSON-CRICK  ? ? ? 
hydrog19 hydrog ? ? A C 7 O2 ? ? ? 1_555 B G 3 N2 ? ? S C 7 A G 3 1_555 ? ? ? ? ? ? WATSON-CRICK  ? ? ? 
hydrog20 hydrog ? ? A G 8 N1 ? ? ? 1_555 B C 2 N3 ? ? S G 8 A C 2 1_555 ? ? ? ? ? ? WATSON-CRICK  ? ? ? 
hydrog21 hydrog ? ? A G 8 N2 ? ? ? 1_555 B C 2 O2 ? ? S G 8 A C 2 1_555 ? ? ? ? ? ? WATSON-CRICK  ? ? ? 
hydrog22 hydrog ? ? A G 8 O6 ? ? ? 1_555 B C 2 N4 ? ? S G 8 A C 2 1_555 ? ? ? ? ? ? WATSON-CRICK  ? ? ? 
hydrog23 hydrog ? ? A G 9 N1 ? ? ? 1_555 B C 1 N3 ? ? S G 9 A C 1 1_555 ? ? ? ? ? ? WATSON-CRICK  ? ? ? 
hydrog24 hydrog ? ? A G 9 N2 ? ? ? 1_555 B C 1 O2 ? ? S G 9 A C 1 1_555 ? ? ? ? ? ? WATSON-CRICK  ? ? ? 
hydrog25 hydrog ? ? A G 9 O6 ? ? ? 1_555 B C 1 N4 ? ? S G 9 A C 1 1_555 ? ? ? ? ? ? WATSON-CRICK  ? ? ? 
# 
_struct_conn_type.id          hydrog 
_struct_conn_type.criteria    ? 
_struct_conn_type.reference   ? 
# 
loop_
_pdbx_validate_rmsd_bond.id 
_pdbx_validate_rmsd_bond.PDB_model_num 
_pdbx_validate_rmsd_bond.auth_atom_id_1 
_pdbx_validate_rmsd_bond.auth_asym_id_1 
_pdbx_validate_rmsd_bond.auth_comp_id_1 
_pdbx_validate_rmsd_bond.auth_seq_id_1 
_pdbx_validate_rmsd_bond.PDB_ins_code_1 
_pdbx_validate_rmsd_bond.label_alt_id_1 
_pdbx_validate_rmsd_bond.auth_atom_id_2 
_pdbx_validate_rmsd_bond.auth_asym_id_2 
_pdbx_validate_rmsd_bond.auth_comp_id_2 
_pdbx_validate_rmsd_bond.auth_seq_id_2 
_pdbx_validate_rmsd_bond.PDB_ins_code_2 
_pdbx_validate_rmsd_bond.label_alt_id_2 
_pdbx_validate_rmsd_bond.bond_value 
_pdbx_validate_rmsd_bond.bond_target_value 
_pdbx_validate_rmsd_bond.bond_deviation 
_pdbx_validate_rmsd_bond.bond_standard_deviation 
_pdbx_validate_rmsd_bond.linker_flag 
1  1 P     S C 1 ? ? "O5'" S C 1 ? ? 1.488 1.593 -0.105 0.010 N 
2  1 N1    S C 1 ? ? C6    S C 1 ? ? 1.308 1.367 -0.059 0.006 N 
3  1 C4    S C 1 ? ? C5    S C 1 ? ? 1.365 1.425 -0.060 0.008 N 
4  1 C5    S C 1 ? ? C6    S C 1 ? ? 1.412 1.339 0.073  0.008 N 
5  1 P     S G 3 ? ? "O5'" S G 3 ? ? 1.513 1.593 -0.080 0.010 N 
6  1 N7    S G 3 ? ? C8    S G 3 ? ? 1.347 1.305 0.042  0.006 N 
7  1 P     S C 4 ? ? "O5'" S C 4 ? ? 1.527 1.593 -0.066 0.010 N 
8  1 N1    S C 4 ? ? C6    S C 4 ? ? 1.301 1.367 -0.066 0.006 N 
9  1 C2    S C 4 ? ? N3    S C 4 ? ? 1.403 1.353 0.050  0.008 N 
10 1 N3    S C 4 ? ? C4    S C 4 ? ? 1.287 1.335 -0.048 0.007 N 
11 1 C4    S C 4 ? ? C5    S C 4 ? ? 1.347 1.425 -0.078 0.008 N 
12 1 "O4'" S G 5 ? ? "C4'" S G 5 ? ? 1.365 1.451 -0.086 0.013 N 
13 1 N3    S G 5 ? ? C4    S G 5 ? ? 1.297 1.350 -0.053 0.007 N 
14 1 C4    S G 5 ? ? C5    S G 5 ? ? 1.424 1.379 0.045  0.007 N 
15 1 "C5'" S G 6 ? ? "C4'" S G 6 ? ? 1.457 1.508 -0.051 0.007 N 
16 1 "C3'" S G 6 ? ? "C2'" S G 6 ? ? 1.433 1.523 -0.090 0.011 N 
17 1 C4    S C 7 ? ? N4    S C 7 ? ? 1.399 1.335 0.064  0.009 N 
18 1 N1    S C 7 ? ? C6    S C 7 ? ? 1.315 1.367 -0.052 0.006 N 
19 1 "O3'" S C 7 ? ? P     S G 8 ? ? 1.503 1.607 -0.104 0.012 Y 
20 1 P     S G 8 ? ? "O5'" S G 8 ? ? 1.526 1.593 -0.067 0.010 N 
21 1 C8    S G 8 ? ? N9    S G 8 ? ? 1.325 1.374 -0.049 0.007 N 
22 1 N1    S G 9 ? ? C2    S G 9 ? ? 1.322 1.373 -0.051 0.008 N 
23 1 C2    S G 9 ? ? N3    S G 9 ? ? 1.372 1.323 0.049  0.008 N 
24 1 C4    S G 9 ? ? C5    S G 9 ? ? 1.433 1.379 0.054  0.007 N 
25 1 N7    S G 9 ? ? C8    S G 9 ? ? 1.348 1.305 0.043  0.006 N 
26 1 P     A C 1 ? ? "O5'" A C 1 ? ? 1.514 1.593 -0.079 0.010 N 
27 1 C2    A C 1 ? ? N3    A C 1 ? ? 1.402 1.353 0.049  0.008 N 
28 1 C4    A C 1 ? ? C5    A C 1 ? ? 1.355 1.425 -0.070 0.008 N 
29 1 "O5'" A C 2 ? ? "C5'" A C 2 ? ? 1.354 1.420 -0.066 0.009 N 
30 1 N1    A C 2 ? ? C2    A C 2 ? ? 1.317 1.397 -0.080 0.010 N 
31 1 C2    A C 2 ? ? N3    A C 2 ? ? 1.414 1.353 0.061  0.008 N 
32 1 P     A G 3 ? ? "O5'" A G 3 ? ? 1.521 1.593 -0.072 0.010 N 
33 1 "C5'" A G 3 ? ? "C4'" A G 3 ? ? 1.585 1.509 0.076  0.012 N 
34 1 N1    A G 3 ? ? C2    A G 3 ? ? 1.296 1.373 -0.077 0.008 N 
35 1 C4    A G 3 ? ? C5    A G 3 ? ? 1.453 1.379 0.074  0.007 N 
36 1 N7    A G 3 ? ? C8    A G 3 ? ? 1.369 1.305 0.064  0.006 N 
37 1 "O3'" A G 3 ? ? P     A C 4 ? ? 1.491 1.607 -0.116 0.012 Y 
38 1 C4    A C 4 ? ? C5    A C 4 ? ? 1.375 1.425 -0.050 0.008 N 
39 1 "O4'" A G 5 ? ? "C4'" A G 5 ? ? 1.358 1.451 -0.093 0.013 N 
40 1 N7    A G 5 ? ? C8    A G 5 ? ? 1.372 1.305 0.067  0.006 N 
41 1 N3    A G 6 ? ? C4    A G 6 ? ? 1.415 1.350 0.065  0.007 N 
42 1 N7    A G 6 ? ? C8    A G 6 ? ? 1.395 1.305 0.090  0.006 N 
43 1 "O4'" A C 7 ? ? "C4'" A C 7 ? ? 1.371 1.451 -0.080 0.013 N 
44 1 N1    A C 7 ? ? C6    A C 7 ? ? 1.298 1.367 -0.069 0.006 N 
45 1 C2    A C 7 ? ? N3    A C 7 ? ? 1.403 1.353 0.050  0.008 N 
46 1 C4    A C 7 ? ? C5    A C 7 ? ? 1.365 1.425 -0.060 0.008 N 
47 1 C5    A C 7 ? ? C6    A C 7 ? ? 1.389 1.339 0.050  0.008 N 
48 1 "O3'" A C 7 ? ? P     A G 8 ? ? 1.484 1.607 -0.123 0.012 Y 
49 1 N1    A G 8 ? ? C2    A G 8 ? ? 1.319 1.373 -0.054 0.008 N 
50 1 C5    A G 8 ? ? N7    A G 8 ? ? 1.335 1.388 -0.053 0.006 N 
51 1 C4    A G 9 ? ? C5    A G 9 ? ? 1.446 1.379 0.067  0.007 N 
52 1 N7    A G 9 ? ? C8    A G 9 ? ? 1.350 1.305 0.045  0.006 N 
# 
loop_
_pdbx_validate_rmsd_angle.id 
_pdbx_validate_rmsd_angle.PDB_model_num 
_pdbx_validate_rmsd_angle.auth_atom_id_1 
_pdbx_validate_rmsd_angle.auth_asym_id_1 
_pdbx_validate_rmsd_angle.auth_comp_id_1 
_pdbx_validate_rmsd_angle.auth_seq_id_1 
_pdbx_validate_rmsd_angle.PDB_ins_code_1 
_pdbx_validate_rmsd_angle.label_alt_id_1 
_pdbx_validate_rmsd_angle.auth_atom_id_2 
_pdbx_validate_rmsd_angle.auth_asym_id_2 
_pdbx_validate_rmsd_angle.auth_comp_id_2 
_pdbx_validate_rmsd_angle.auth_seq_id_2 
_pdbx_validate_rmsd_angle.PDB_ins_code_2 
_pdbx_validate_rmsd_angle.label_alt_id_2 
_pdbx_validate_rmsd_angle.auth_atom_id_3 
_pdbx_validate_rmsd_angle.auth_asym_id_3 
_pdbx_validate_rmsd_angle.auth_comp_id_3 
_pdbx_validate_rmsd_angle.auth_seq_id_3 
_pdbx_validate_rmsd_angle.PDB_ins_code_3 
_pdbx_validate_rmsd_angle.label_alt_id_3 
_pdbx_validate_rmsd_angle.angle_value 
_pdbx_validate_rmsd_angle.angle_target_value 
_pdbx_validate_rmsd_angle.angle_deviation 
_pdbx_validate_rmsd_angle.angle_standard_deviation 
_pdbx_validate_rmsd_angle.linker_flag 
1  1 OP1   S C 1 ? ? P     S C 1 ? ? OP2   S C 1 ? ? 107.85 119.60 -11.75 1.50 N 
2  1 "O4'" S C 1 ? ? "C1'" S C 1 ? ? N1    S C 1 ? ? 115.56 108.50 7.06   0.70 N 
3  1 N1    S C 1 ? ? C2    S C 1 ? ? N3    S C 1 ? ? 114.46 119.20 -4.74  0.70 N 
4  1 C2    S C 1 ? ? N3    S C 1 ? ? C4    S C 1 ? ? 124.59 119.90 4.69   0.50 N 
5  1 C5    S C 1 ? ? C6    S C 1 ? ? N1    S C 1 ? ? 125.25 121.00 4.25   0.50 N 
6  1 N1    S C 1 ? ? C2    S C 1 ? ? O2    S C 1 ? ? 122.55 118.90 3.65   0.60 N 
7  1 OP1   S C 2 ? ? P     S C 2 ? ? OP2   S C 2 ? ? 108.14 119.60 -11.46 1.50 N 
8  1 "C5'" S C 2 ? ? "C4'" S C 2 ? ? "O4'" S C 2 ? ? 117.20 109.80 7.40   0.90 N 
9  1 "C1'" S C 2 ? ? "O4'" S C 2 ? ? "C4'" S C 2 ? ? 116.39 109.90 6.49   0.80 N 
10 1 "O4'" S C 2 ? ? "C1'" S C 2 ? ? "C2'" S C 2 ? ? 99.44  105.80 -6.36  1.00 N 
11 1 C4    S C 2 ? ? C5    S C 2 ? ? C6    S C 2 ? ? 114.35 117.40 -3.05  0.50 N 
12 1 C2    S G 3 ? ? N3    S G 3 ? ? C4    S G 3 ? ? 115.66 111.90 3.76   0.50 N 
13 1 N3    S G 3 ? ? C4    S G 3 ? ? C5    S G 3 ? ? 123.35 128.60 -5.25  0.50 N 
14 1 N3    S G 3 ? ? C4    S G 3 ? ? N9    S G 3 ? ? 131.13 126.00 5.13   0.60 N 
15 1 N1    S G 3 ? ? C6    S G 3 ? ? O6    S G 3 ? ? 123.63 119.90 3.73   0.60 N 
16 1 C5    S G 3 ? ? C6    S G 3 ? ? O6    S G 3 ? ? 124.67 128.60 -3.93  0.60 N 
17 1 N1    S C 4 ? ? C2    S C 4 ? ? O2    S C 4 ? ? 126.34 118.90 7.44   0.60 N 
18 1 "O3'" S C 4 ? ? P     S G 5 ? ? "O5'" S G 5 ? ? 115.42 104.00 11.42  1.90 Y 
19 1 "O4'" S G 5 ? ? "C1'" S G 5 ? ? N9    S G 5 ? ? 103.38 108.20 -4.82  0.80 N 
20 1 C2    S G 5 ? ? N3    S G 5 ? ? C4    S G 5 ? ? 119.24 111.90 7.34   0.50 N 
21 1 N3    S G 5 ? ? C4    S G 5 ? ? C5    S G 5 ? ? 122.69 128.60 -5.91  0.50 N 
22 1 C4    S G 5 ? ? C5    S G 5 ? ? N7    S G 5 ? ? 107.18 110.80 -3.62  0.40 N 
23 1 C8    S G 5 ? ? N9    S G 5 ? ? C4    S G 5 ? ? 103.49 106.40 -2.91  0.40 N 
24 1 N9    S G 5 ? ? C4    S G 5 ? ? C5    S G 5 ? ? 108.11 105.40 2.71   0.40 N 
25 1 N1    S G 5 ? ? C2    S G 5 ? ? N2    S G 5 ? ? 122.28 116.20 6.08   0.90 N 
26 1 C8    S G 5 ? ? N9    S G 5 ? ? "C1'" S G 5 ? ? 138.05 127.00 11.05  1.30 N 
27 1 C4    S G 5 ? ? N9    S G 5 ? ? "C1'" S G 5 ? ? 118.32 126.50 -8.18  1.30 N 
28 1 OP1   S G 6 ? ? P     S G 6 ? ? OP2   S G 6 ? ? 109.32 119.60 -10.28 1.50 N 
29 1 "O4'" S G 6 ? ? "C4'" S G 6 ? ? "C3'" S G 6 ? ? 96.92  104.00 -7.08  1.00 N 
30 1 C2    S G 6 ? ? N3    S G 6 ? ? C4    S G 6 ? ? 116.45 111.90 4.55   0.50 N 
31 1 N3    S G 6 ? ? C4    S G 6 ? ? C5    S G 6 ? ? 125.32 128.60 -3.28  0.50 N 
32 1 C4    S G 6 ? ? C5    S G 6 ? ? N7    S G 6 ? ? 107.47 110.80 -3.33  0.40 N 
33 1 N9    S G 6 ? ? C4    S G 6 ? ? C5    S G 6 ? ? 108.09 105.40 2.69   0.40 N 
34 1 OP1   S C 7 ? ? P     S C 7 ? ? OP2   S C 7 ? ? 107.53 119.60 -12.07 1.50 N 
35 1 "C5'" S C 7 ? ? "C4'" S C 7 ? ? "C3'" S C 7 ? ? 105.51 115.20 -9.69  1.40 N 
36 1 "C5'" S C 7 ? ? "C4'" S C 7 ? ? "O4'" S C 7 ? ? 116.69 109.80 6.89   0.90 N 
37 1 C5    S C 7 ? ? C6    S C 7 ? ? N1    S C 7 ? ? 124.13 121.00 3.13   0.50 N 
38 1 C2    S G 8 ? ? N3    S G 8 ? ? C4    S G 8 ? ? 115.60 111.90 3.70   0.50 N 
39 1 C4    S G 8 ? ? C5    S G 8 ? ? N7    S G 8 ? ? 107.60 110.80 -3.20  0.40 N 
40 1 N9    S G 8 ? ? C4    S G 8 ? ? C5    S G 8 ? ? 108.58 105.40 3.18   0.40 N 
41 1 "O5'" S G 9 ? ? "C5'" S G 9 ? ? "C4'" S G 9 ? ? 103.47 109.40 -5.93  0.80 N 
42 1 "C5'" S G 9 ? ? "C4'" S G 9 ? ? "O4'" S G 9 ? ? 117.09 109.80 7.29   0.90 N 
43 1 N3    S G 9 ? ? C4    S G 9 ? ? C5    S G 9 ? ? 124.45 128.60 -4.15  0.50 N 
44 1 N1    S G 9 ? ? C2    S G 9 ? ? N2    S G 9 ? ? 122.37 116.20 6.17   0.90 N 
45 1 N3    S G 9 ? ? C2    S G 9 ? ? N2    S G 9 ? ? 112.49 119.90 -7.41  0.70 N 
46 1 OP1   A C 1 ? ? P     A C 1 ? ? OP2   A C 1 ? ? 107.16 119.60 -12.44 1.50 N 
47 1 N3    A C 1 ? ? C4    A C 1 ? ? C5    A C 1 ? ? 118.89 121.90 -3.01  0.40 N 
48 1 C4    A C 1 ? ? C5    A C 1 ? ? C6    A C 1 ? ? 120.61 117.40 3.21   0.50 N 
49 1 N1    A C 1 ? ? C2    A C 1 ? ? O2    A C 1 ? ? 125.89 118.90 6.99   0.60 N 
50 1 "O3'" A C 1 ? ? P     A C 2 ? ? "O5'" A C 2 ? ? 115.79 104.00 11.79  1.90 Y 
51 1 OP1   A C 2 ? ? P     A C 2 ? ? OP2   A C 2 ? ? 109.46 119.60 -10.14 1.50 N 
52 1 "C5'" A C 2 ? ? "C4'" A C 2 ? ? "O4'" A C 2 ? ? 117.95 109.80 8.15   0.90 N 
53 1 OP1   A G 3 ? ? P     A G 3 ? ? OP2   A G 3 ? ? 105.92 119.60 -13.68 1.50 N 
54 1 C2    A G 3 ? ? N3    A G 3 ? ? C4    A G 3 ? ? 117.95 111.90 6.05   0.50 N 
55 1 N3    A G 3 ? ? C4    A G 3 ? ? C5    A G 3 ? ? 120.30 128.60 -8.30  0.50 N 
56 1 C5    A G 3 ? ? C6    A G 3 ? ? N1    A G 3 ? ? 114.92 111.50 3.42   0.50 N 
57 1 N3    A G 3 ? ? C4    A G 3 ? ? N9    A G 3 ? ? 132.70 126.00 6.70   0.60 N 
58 1 N1    A G 3 ? ? C2    A G 3 ? ? N2    A G 3 ? ? 121.67 116.20 5.47   0.90 N 
59 1 N3    A G 3 ? ? C2    A G 3 ? ? N2    A G 3 ? ? 113.43 119.90 -6.47  0.70 N 
60 1 C5    A G 3 ? ? C6    A G 3 ? ? O6    A G 3 ? ? 121.81 128.60 -6.79  0.60 N 
61 1 OP1   A C 4 ? ? P     A C 4 ? ? OP2   A C 4 ? ? 108.45 119.60 -11.15 1.50 N 
62 1 N1    A C 4 ? ? C2    A C 4 ? ? O2    A C 4 ? ? 123.24 118.90 4.34   0.60 N 
63 1 OP1   A G 5 ? ? P     A G 5 ? ? OP2   A G 5 ? ? 104.38 119.60 -15.22 1.50 N 
64 1 "C5'" A G 5 ? ? "C4'" A G 5 ? ? "O4'" A G 5 ? ? 119.85 109.80 10.05  0.90 N 
65 1 "O4'" A G 5 ? ? "C1'" A G 5 ? ? N9    A G 5 ? ? 112.97 108.50 4.47   0.70 N 
66 1 C4    A G 5 ? ? C5    A G 5 ? ? N7    A G 5 ? ? 108.06 110.80 -2.74  0.40 N 
67 1 N9    A G 5 ? ? C4    A G 5 ? ? C5    A G 5 ? ? 108.93 105.40 3.53   0.40 N 
68 1 N3    A G 6 ? ? C4    A G 6 ? ? C5    A G 6 ? ? 123.68 128.60 -4.92  0.50 N 
69 1 C5    A G 6 ? ? C6    A G 6 ? ? N1    A G 6 ? ? 115.62 111.50 4.12   0.50 N 
70 1 C4    A G 6 ? ? C5    A G 6 ? ? N7    A G 6 ? ? 107.94 110.80 -2.86  0.40 N 
71 1 N9    A G 6 ? ? C4    A G 6 ? ? C5    A G 6 ? ? 108.77 105.40 3.37   0.40 N 
72 1 N3    A G 6 ? ? C2    A G 6 ? ? N2    A G 6 ? ? 113.35 119.90 -6.55  0.70 N 
73 1 N1    A G 6 ? ? C6    A G 6 ? ? O6    A G 6 ? ? 115.44 119.90 -4.46  0.60 N 
74 1 OP1   A G 8 ? ? P     A G 8 ? ? OP2   A G 8 ? ? 108.64 119.60 -10.96 1.50 N 
75 1 "C5'" A G 8 ? ? "C4'" A G 8 ? ? "O4'" A G 8 ? ? 116.19 109.80 6.39   0.90 N 
76 1 C2    A G 8 ? ? N3    A G 8 ? ? C4    A G 8 ? ? 117.48 111.90 5.58   0.50 N 
77 1 N3    A G 8 ? ? C4    A G 8 ? ? C5    A G 8 ? ? 123.50 128.60 -5.10  0.50 N 
78 1 C5    A G 8 ? ? C6    A G 8 ? ? N1    A G 8 ? ? 115.83 111.50 4.33   0.50 N 
79 1 C4    A G 8 ? ? C5    A G 8 ? ? N7    A G 8 ? ? 107.96 110.80 -2.84  0.40 N 
80 1 C5    A G 8 ? ? N7    A G 8 ? ? C8    A G 8 ? ? 109.10 104.30 4.80   0.50 N 
81 1 N3    A G 8 ? ? C4    A G 8 ? ? N9    A G 8 ? ? 130.19 126.00 4.19   0.60 N 
82 1 C6    A G 8 ? ? C5    A G 8 ? ? N7    A G 8 ? ? 135.57 130.40 5.17   0.60 N 
83 1 N1    A G 8 ? ? C2    A G 8 ? ? N2    A G 8 ? ? 123.64 116.20 7.44   0.90 N 
84 1 N3    A G 8 ? ? C2    A G 8 ? ? N2    A G 8 ? ? 113.27 119.90 -6.63  0.70 N 
85 1 C5    A G 8 ? ? C6    A G 8 ? ? O6    A G 8 ? ? 123.03 128.60 -5.57  0.60 N 
86 1 "O3'" A G 8 ? ? P     A G 9 ? ? "O5'" A G 9 ? ? 117.53 104.00 13.53  1.90 Y 
87 1 OP1   A G 9 ? ? P     A G 9 ? ? OP2   A G 9 ? ? 107.43 119.60 -12.17 1.50 N 
88 1 C2    A G 9 ? ? N3    A G 9 ? ? C4    A G 9 ? ? 116.46 111.90 4.56   0.50 N 
89 1 N3    A G 9 ? ? C4    A G 9 ? ? C5    A G 9 ? ? 121.81 128.60 -6.79  0.50 N 
90 1 C4    A G 9 ? ? C5    A G 9 ? ? N7    A G 9 ? ? 106.24 110.80 -4.56  0.40 N 
91 1 N3    A G 9 ? ? C4    A G 9 ? ? N9    A G 9 ? ? 130.66 126.00 4.66   0.60 N 
92 1 N3    A G 9 ? ? C2    A G 9 ? ? N2    A G 9 ? ? 113.29 119.90 -6.61  0.70 N 
# 
_pdbx_nmr_ensemble.average_constraint_violations_per_residue     ? 
_pdbx_nmr_ensemble.average_constraints_per_residue               ? 
_pdbx_nmr_ensemble.average_distance_constraint_violation         ? 
_pdbx_nmr_ensemble.average_torsion_angle_constraint_violation    ? 
_pdbx_nmr_ensemble.conformer_selection_criteria                  'structures with the lowest energy' 
_pdbx_nmr_ensemble.conformers_calculated_total_number            100 
_pdbx_nmr_ensemble.conformers_submitted_total_number             1 
_pdbx_nmr_ensemble.distance_constraint_violation_method          ? 
_pdbx_nmr_ensemble.entry_id                                      2NCR 
_pdbx_nmr_ensemble.maximum_distance_constraint_violation         ? 
_pdbx_nmr_ensemble.maximum_lower_distance_constraint_violation   ? 
_pdbx_nmr_ensemble.maximum_torsion_angle_constraint_violation    ? 
_pdbx_nmr_ensemble.maximum_upper_distance_constraint_violation   ? 
_pdbx_nmr_ensemble.torsion_angle_constraint_violation_method     ? 
# 
_pdbx_nmr_representative.conformer_id         1 
_pdbx_nmr_representative.entry_id             2NCR 
_pdbx_nmr_representative.selection_criteria   'lowest energy' 
# 
_pdbx_nmr_sample_details.contents         
;1.5 mM RNA (5'-R(P*CP*CP*GP*CP*GP*GP*CP*GP*G)-3')-1, 90% H2O/10% D2O
;
_pdbx_nmr_sample_details.solution_id      1 
_pdbx_nmr_sample_details.solvent_system   '90% H2O/10% D2O' 
_pdbx_nmr_sample_details.label            ? 
_pdbx_nmr_sample_details.type             ? 
_pdbx_nmr_sample_details.details          ? 
# 
_pdbx_nmr_exptl_sample.component             
;RNA (5'-R(P*CP*CP*GP*CP*GP*GP*CP*GP*G)-3')-1
;
_pdbx_nmr_exptl_sample.concentration         1.5 
_pdbx_nmr_exptl_sample.concentration_range   ? 
_pdbx_nmr_exptl_sample.concentration_units   mM 
_pdbx_nmr_exptl_sample.isotopic_labeling     'natural abundance' 
_pdbx_nmr_exptl_sample.solution_id           1 
# 
_pdbx_nmr_exptl_sample_conditions.conditions_id          1 
_pdbx_nmr_exptl_sample_conditions.ionic_strength         ? 
_pdbx_nmr_exptl_sample_conditions.pH                     7 
_pdbx_nmr_exptl_sample_conditions.pressure               ambient 
_pdbx_nmr_exptl_sample_conditions.pressure_units         ? 
_pdbx_nmr_exptl_sample_conditions.temperature            298 
_pdbx_nmr_exptl_sample_conditions.temperature_units      K 
_pdbx_nmr_exptl_sample_conditions.label                  ? 
_pdbx_nmr_exptl_sample_conditions.pH_units               ? 
_pdbx_nmr_exptl_sample_conditions.ionic_strength_units   ? 
# 
_pdbx_nmr_exptl.conditions_id   1 
_pdbx_nmr_exptl.experiment_id   1 
_pdbx_nmr_exptl.solution_id     1 
_pdbx_nmr_exptl.type            '2D 1H-1H NOESY' 
# 
_pdbx_nmr_refine.entry_id           2NCR 
_pdbx_nmr_refine.method             'DGSA-distance geometry simulated annealing' 
_pdbx_nmr_refine.details            ? 
_pdbx_nmr_refine.software_ordinal   4 
# 
loop_
_pdbx_nmr_software.authors 
_pdbx_nmr_software.classification 
_pdbx_nmr_software.name 
_pdbx_nmr_software.version 
_pdbx_nmr_software.ordinal 
Goddard                  'chemical shift assignment'  Sparky   ? 1 
'Bruker Biospin'         'chemical shift calculation' TopSpin  ? 2 
'Accelrys Software Inc.' 'geometry optimization'      Discover ? 3 
'Accelrys Software Inc.' refinement                   Discover ? 4 
# 
loop_
_chem_comp_atom.comp_id 
_chem_comp_atom.atom_id 
_chem_comp_atom.type_symbol 
_chem_comp_atom.pdbx_aromatic_flag 
_chem_comp_atom.pdbx_stereo_config 
_chem_comp_atom.pdbx_ordinal 
C OP3    O N N 1  
C P      P N N 2  
C OP1    O N N 3  
C OP2    O N N 4  
C "O5'"  O N N 5  
C "C5'"  C N N 6  
C "C4'"  C N R 7  
C "O4'"  O N N 8  
C "C3'"  C N S 9  
C "O3'"  O N N 10 
C "C2'"  C N R 11 
C "O2'"  O N N 12 
C "C1'"  C N R 13 
C N1     N N N 14 
C C2     C N N 15 
C O2     O N N 16 
C N3     N N N 17 
C C4     C N N 18 
C N4     N N N 19 
C C5     C N N 20 
C C6     C N N 21 
C HOP3   H N N 22 
C HOP2   H N N 23 
C "H5'"  H N N 24 
C "H5''" H N N 25 
C "H4'"  H N N 26 
C "H3'"  H N N 27 
C "HO3'" H N N 28 
C "H2'"  H N N 29 
C "HO2'" H N N 30 
C "H1'"  H N N 31 
C H41    H N N 32 
C H42    H N N 33 
C H5     H N N 34 
C H6     H N N 35 
G OP3    O N N 36 
G P      P N N 37 
G OP1    O N N 38 
G OP2    O N N 39 
G "O5'"  O N N 40 
G "C5'"  C N N 41 
G "C4'"  C N R 42 
G "O4'"  O N N 43 
G "C3'"  C N S 44 
G "O3'"  O N N 45 
G "C2'"  C N R 46 
G "O2'"  O N N 47 
G "C1'"  C N R 48 
G N9     N Y N 49 
G C8     C Y N 50 
G N7     N Y N 51 
G C5     C Y N 52 
G C6     C N N 53 
G O6     O N N 54 
G N1     N N N 55 
G C2     C N N 56 
G N2     N N N 57 
G N3     N N N 58 
G C4     C Y N 59 
G HOP3   H N N 60 
G HOP2   H N N 61 
G "H5'"  H N N 62 
G "H5''" H N N 63 
G "H4'"  H N N 64 
G "H3'"  H N N 65 
G "HO3'" H N N 66 
G "H2'"  H N N 67 
G "HO2'" H N N 68 
G "H1'"  H N N 69 
G H8     H N N 70 
G H1     H N N 71 
G H21    H N N 72 
G H22    H N N 73 
# 
loop_
_chem_comp_bond.comp_id 
_chem_comp_bond.atom_id_1 
_chem_comp_bond.atom_id_2 
_chem_comp_bond.value_order 
_chem_comp_bond.pdbx_aromatic_flag 
_chem_comp_bond.pdbx_stereo_config 
_chem_comp_bond.pdbx_ordinal 
C OP3   P      sing N N 1  
C OP3   HOP3   sing N N 2  
C P     OP1    doub N N 3  
C P     OP2    sing N N 4  
C P     "O5'"  sing N N 5  
C OP2   HOP2   sing N N 6  
C "O5'" "C5'"  sing N N 7  
C "C5'" "C4'"  sing N N 8  
C "C5'" "H5'"  sing N N 9  
C "C5'" "H5''" sing N N 10 
C "C4'" "O4'"  sing N N 11 
C "C4'" "C3'"  sing N N 12 
C "C4'" "H4'"  sing N N 13 
C "O4'" "C1'"  sing N N 14 
C "C3'" "O3'"  sing N N 15 
C "C3'" "C2'"  sing N N 16 
C "C3'" "H3'"  sing N N 17 
C "O3'" "HO3'" sing N N 18 
C "C2'" "O2'"  sing N N 19 
C "C2'" "C1'"  sing N N 20 
C "C2'" "H2'"  sing N N 21 
C "O2'" "HO2'" sing N N 22 
C "C1'" N1     sing N N 23 
C "C1'" "H1'"  sing N N 24 
C N1    C2     sing N N 25 
C N1    C6     sing N N 26 
C C2    O2     doub N N 27 
C C2    N3     sing N N 28 
C N3    C4     doub N N 29 
C C4    N4     sing N N 30 
C C4    C5     sing N N 31 
C N4    H41    sing N N 32 
C N4    H42    sing N N 33 
C C5    C6     doub N N 34 
C C5    H5     sing N N 35 
C C6    H6     sing N N 36 
G OP3   P      sing N N 37 
G OP3   HOP3   sing N N 38 
G P     OP1    doub N N 39 
G P     OP2    sing N N 40 
G P     "O5'"  sing N N 41 
G OP2   HOP2   sing N N 42 
G "O5'" "C5'"  sing N N 43 
G "C5'" "C4'"  sing N N 44 
G "C5'" "H5'"  sing N N 45 
G "C5'" "H5''" sing N N 46 
G "C4'" "O4'"  sing N N 47 
G "C4'" "C3'"  sing N N 48 
G "C4'" "H4'"  sing N N 49 
G "O4'" "C1'"  sing N N 50 
G "C3'" "O3'"  sing N N 51 
G "C3'" "C2'"  sing N N 52 
G "C3'" "H3'"  sing N N 53 
G "O3'" "HO3'" sing N N 54 
G "C2'" "O2'"  sing N N 55 
G "C2'" "C1'"  sing N N 56 
G "C2'" "H2'"  sing N N 57 
G "O2'" "HO2'" sing N N 58 
G "C1'" N9     sing N N 59 
G "C1'" "H1'"  sing N N 60 
G N9    C8     sing Y N 61 
G N9    C4     sing Y N 62 
G C8    N7     doub Y N 63 
G C8    H8     sing N N 64 
G N7    C5     sing Y N 65 
G C5    C6     sing N N 66 
G C5    C4     doub Y N 67 
G C6    O6     doub N N 68 
G C6    N1     sing N N 69 
G N1    C2     sing N N 70 
G N1    H1     sing N N 71 
G C2    N2     sing N N 72 
G C2    N3     doub N N 73 
G N2    H21    sing N N 74 
G N2    H22    sing N N 75 
G N3    C4     sing N N 76 
# 
_ndb_struct_conf_na.entry_id   2NCR 
_ndb_struct_conf_na.feature    'a-form double helix' 
# 
loop_
_ndb_struct_na_base_pair.model_number 
_ndb_struct_na_base_pair.i_label_asym_id 
_ndb_struct_na_base_pair.i_label_comp_id 
_ndb_struct_na_base_pair.i_label_seq_id 
_ndb_struct_na_base_pair.i_symmetry 
_ndb_struct_na_base_pair.j_label_asym_id 
_ndb_struct_na_base_pair.j_label_comp_id 
_ndb_struct_na_base_pair.j_label_seq_id 
_ndb_struct_na_base_pair.j_symmetry 
_ndb_struct_na_base_pair.shear 
_ndb_struct_na_base_pair.stretch 
_ndb_struct_na_base_pair.stagger 
_ndb_struct_na_base_pair.buckle 
_ndb_struct_na_base_pair.propeller 
_ndb_struct_na_base_pair.opening 
_ndb_struct_na_base_pair.pair_number 
_ndb_struct_na_base_pair.pair_name 
_ndb_struct_na_base_pair.i_auth_asym_id 
_ndb_struct_na_base_pair.i_auth_seq_id 
_ndb_struct_na_base_pair.i_PDB_ins_code 
_ndb_struct_na_base_pair.j_auth_asym_id 
_ndb_struct_na_base_pair.j_auth_seq_id 
_ndb_struct_na_base_pair.j_PDB_ins_code 
_ndb_struct_na_base_pair.hbond_type_28 
_ndb_struct_na_base_pair.hbond_type_12 
1 A C 1 1_555 B G 9 1_555 0.122  -0.077 -0.326 -1.128 -2.413  0.545   1 S_C1:G9_A S 1 ? A 9 ? 19 1 
1 A C 2 1_555 B G 8 1_555 0.091  -0.157 -0.280 0.393  -4.309  -0.252  2 S_C2:G8_A S 2 ? A 8 ? 19 1 
1 A G 3 1_555 B C 7 1_555 -0.063 -0.126 -0.143 -2.694 -0.162  -1.100  3 S_G3:C7_A S 3 ? A 7 ? 19 1 
1 A C 4 1_555 B G 6 1_555 0.251  -0.099 -0.225 1.844  -2.301  -0.804  4 S_C4:G6_A S 4 ? A 6 ? 19 1 
1 A G 5 1_555 B G 5 1_555 3.650  0.869  -0.636 -2.566 -34.048 -34.102 5 S_G5:G5_A S 5 ? A 5 ? ?  1 
1 A G 6 1_555 B C 4 1_555 -0.240 -0.117 -0.149 -2.422 -3.122  -0.594  6 S_G6:C4_A S 6 ? A 4 ? 19 1 
1 A C 7 1_555 B G 3 1_555 0.304  -0.149 -0.180 -0.486 -1.004  1.089   7 S_C7:G3_A S 7 ? A 3 ? 19 1 
1 A G 8 1_555 B C 2 1_555 -0.103 -0.194 -0.251 -2.787 -2.739  -1.074  8 S_G8:C2_A S 8 ? A 2 ? 19 1 
1 A G 9 1_555 B C 1 1_555 -0.055 -0.095 -0.286 3.268  -2.607  -2.088  9 S_G9:C1_A S 9 ? A 1 ? 19 1 
# 
loop_
_ndb_struct_na_base_pair_step.model_number 
_ndb_struct_na_base_pair_step.i_label_asym_id_1 
_ndb_struct_na_base_pair_step.i_label_comp_id_1 
_ndb_struct_na_base_pair_step.i_label_seq_id_1 
_ndb_struct_na_base_pair_step.i_symmetry_1 
_ndb_struct_na_base_pair_step.j_label_asym_id_1 
_ndb_struct_na_base_pair_step.j_label_comp_id_1 
_ndb_struct_na_base_pair_step.j_label_seq_id_1 
_ndb_struct_na_base_pair_step.j_symmetry_1 
_ndb_struct_na_base_pair_step.i_label_asym_id_2 
_ndb_struct_na_base_pair_step.i_label_comp_id_2 
_ndb_struct_na_base_pair_step.i_label_seq_id_2 
_ndb_struct_na_base_pair_step.i_symmetry_2 
_ndb_struct_na_base_pair_step.j_label_asym_id_2 
_ndb_struct_na_base_pair_step.j_label_comp_id_2 
_ndb_struct_na_base_pair_step.j_label_seq_id_2 
_ndb_struct_na_base_pair_step.j_symmetry_2 
_ndb_struct_na_base_pair_step.shift 
_ndb_struct_na_base_pair_step.slide 
_ndb_struct_na_base_pair_step.rise 
_ndb_struct_na_base_pair_step.tilt 
_ndb_struct_na_base_pair_step.roll 
_ndb_struct_na_base_pair_step.twist 
_ndb_struct_na_base_pair_step.x_displacement 
_ndb_struct_na_base_pair_step.y_displacement 
_ndb_struct_na_base_pair_step.helical_rise 
_ndb_struct_na_base_pair_step.inclination 
_ndb_struct_na_base_pair_step.tip 
_ndb_struct_na_base_pair_step.helical_twist 
_ndb_struct_na_base_pair_step.step_number 
_ndb_struct_na_base_pair_step.step_name 
_ndb_struct_na_base_pair_step.i_auth_asym_id_1 
_ndb_struct_na_base_pair_step.i_auth_seq_id_1 
_ndb_struct_na_base_pair_step.i_PDB_ins_code_1 
_ndb_struct_na_base_pair_step.j_auth_asym_id_1 
_ndb_struct_na_base_pair_step.j_auth_seq_id_1 
_ndb_struct_na_base_pair_step.j_PDB_ins_code_1 
_ndb_struct_na_base_pair_step.i_auth_asym_id_2 
_ndb_struct_na_base_pair_step.i_auth_seq_id_2 
_ndb_struct_na_base_pair_step.i_PDB_ins_code_2 
_ndb_struct_na_base_pair_step.j_auth_asym_id_2 
_ndb_struct_na_base_pair_step.j_auth_seq_id_2 
_ndb_struct_na_base_pair_step.j_PDB_ins_code_2 
1 A C 1 1_555 B G 9 1_555 A C 2 1_555 B G 8 1_555 0.026  -1.332 3.331 0.923  9.372  31.663 -3.877 0.105  2.831 16.720 -1.646 
33.000 1 SS_C1C2:G8G9_AA S 1 ? A 9 ? S 2 ? A 8 ? 
1 A C 2 1_555 B G 8 1_555 A G 3 1_555 B C 7 1_555 0.030  -1.356 3.358 -0.548 11.301 31.055 -4.224 -0.142 2.711 20.282 0.984  
33.004 2 SS_C2G3:C7G8_AA S 2 ? A 8 ? S 3 ? A 7 ? 
1 A G 3 1_555 B C 7 1_555 A C 4 1_555 B G 6 1_555 0.064  -1.329 3.219 1.254  6.052  32.670 -3.284 0.087  2.932 10.639 -2.204 
33.234 3 SS_G3C4:G6C7_AA S 3 ? A 7 ? S 4 ? A 6 ? 
1 A C 4 1_555 B G 6 1_555 A G 5 1_555 B G 5 1_555 -0.986 -1.352 3.809 5.442  9.996  41.198 -2.964 1.957  3.260 13.889 -7.561 
42.676 4 SS_C4G5:G5G6_AA S 4 ? A 6 ? S 5 ? A 5 ? 
1 A G 5 1_555 B G 5 1_555 A G 6 1_555 B C 4 1_555 0.797  -1.821 3.092 -0.582 13.412 18.580 -8.246 -2.166 1.438 36.060 1.564  
22.888 5 SS_G5G6:C4G5_AA S 5 ? A 5 ? S 6 ? A 4 ? 
1 A G 6 1_555 B C 4 1_555 A C 7 1_555 B G 3 1_555 0.068  -1.264 3.305 -0.039 7.425  33.939 -3.222 -0.120 2.970 12.534 0.067  
34.718 6 SS_G6C7:G3C4_AA S 6 ? A 4 ? S 7 ? A 3 ? 
1 A C 7 1_555 B G 3 1_555 A G 8 1_555 B C 2 1_555 -0.144 -1.369 3.318 0.776  11.095 29.241 -4.523 0.406  2.631 21.043 -1.472 
31.241 7 SS_C7G8:C2G3_AA S 7 ? A 3 ? S 8 ? A 2 ? 
1 A G 8 1_555 B C 2 1_555 A G 9 1_555 B C 1 1_555 -0.051 -1.402 3.185 -0.589 8.968  32.017 -3.831 -0.001 2.704 15.873 1.042  
33.222 8 SS_G8G9:C1C2_AA S 8 ? A 2 ? S 9 ? A 1 ? 
# 
_pdbx_nmr_spectrometer.field_strength    400 
_pdbx_nmr_spectrometer.manufacturer      Bruker 
_pdbx_nmr_spectrometer.model             AVANCE 
_pdbx_nmr_spectrometer.spectrometer_id   1 
_pdbx_nmr_spectrometer.type              ? 
# 
_atom_sites.entry_id                    2NCR 
_atom_sites.fract_transf_matrix[1][1]   1.000000 
_atom_sites.fract_transf_matrix[1][2]   0.000000 
_atom_sites.fract_transf_matrix[1][3]   0.000000 
_atom_sites.fract_transf_matrix[2][1]   0.000000 
_atom_sites.fract_transf_matrix[2][2]   1.000000 
_atom_sites.fract_transf_matrix[2][3]   0.000000 
_atom_sites.fract_transf_matrix[3][1]   0.000000 
_atom_sites.fract_transf_matrix[3][2]   0.000000 
_atom_sites.fract_transf_matrix[3][3]   1.000000 
_atom_sites.fract_transf_vector[1]      0.00000 
_atom_sites.fract_transf_vector[2]      0.00000 
_atom_sites.fract_transf_vector[3]      0.00000 
# 
loop_
_atom_type.symbol 
C 
H 
N 
O 
P 
# 
loop_
_atom_site.group_PDB 
_atom_site.id 
_atom_site.type_symbol 
_atom_site.label_atom_id 
_atom_site.label_alt_id 
_atom_site.label_comp_id 
_atom_site.label_asym_id 
_atom_site.label_entity_id 
_atom_site.label_seq_id 
_atom_site.pdbx_PDB_ins_code 
_atom_site.Cartn_x 
_atom_site.Cartn_y 
_atom_site.Cartn_z 
_atom_site.occupancy 
_atom_site.B_iso_or_equiv 
_atom_site.pdbx_formal_charge 
_atom_site.auth_seq_id 
_atom_site.auth_comp_id 
_atom_site.auth_asym_id 
_atom_site.auth_atom_id 
_atom_site.pdbx_PDB_model_num 
ATOM 1   O OP3    . C A 1 1 ? 4.170   11.146  -7.747  1.00 0.00 ?  1 C S OP3    1 
ATOM 2   P P      . C A 1 1 ? 3.324   10.430  -6.646  1.00 0.00 ?  1 C S P      1 
ATOM 3   O OP1    . C A 1 1 ? 3.335   11.263  -5.320  1.00 0.00 ?  1 C S OP1    1 
ATOM 4   O OP2    . C A 1 1 ? 3.672   8.987   -6.294  1.00 0.00 -1 1 C S OP2    1 
ATOM 5   O "O5'"  . C A 1 1 ? 1.899   10.429  -7.075  1.00 0.00 ?  1 C S "O5'"  1 
ATOM 6   C "C5'"  . C A 1 1 ? 1.180   11.661  -7.187  1.00 0.00 ?  1 C S "C5'"  1 
ATOM 7   C "C4'"  . C A 1 1 ? -0.264  11.439  -7.624  1.00 0.00 ?  1 C S "C4'"  1 
ATOM 8   O "O4'"  . C A 1 1 ? -0.227  10.990  -8.947  1.00 0.00 ?  1 C S "O4'"  1 
ATOM 9   C "C3'"  . C A 1 1 ? -1.035  10.439  -6.852  1.00 0.00 ?  1 C S "C3'"  1 
ATOM 10  O "O3'"  . C A 1 1 ? -1.715  11.057  -5.743  1.00 0.00 ?  1 C S "O3'"  1 
ATOM 11  C "C2'"  . C A 1 1 ? -2.046  10.048  -7.926  1.00 0.00 ?  1 C S "C2'"  1 
ATOM 12  O "O2'"  . C A 1 1 ? -3.008  11.089  -8.151  1.00 0.00 ?  1 C S "O2'"  1 
ATOM 13  C "C1'"  . C A 1 1 ? -1.237  9.983   -9.194  1.00 0.00 ?  1 C S "C1'"  1 
ATOM 14  N N1     . C A 1 1 ? -0.727  8.603   -9.418  1.00 0.00 ?  1 C S N1     1 
ATOM 15  C C2     . C A 1 1 ? -1.610  7.693   -10.001 1.00 0.00 ?  1 C S C2     1 
ATOM 16  O O2     . C A 1 1 ? -2.786  7.959   -10.209 1.00 0.00 ?  1 C S O2     1 
ATOM 17  N N3     . C A 1 1 ? -1.054  6.447   -10.278 1.00 0.00 ?  1 C S N3     1 
ATOM 18  C C4     . C A 1 1 ? 0.191   6.077   -9.945  1.00 0.00 ?  1 C S C4     1 
ATOM 19  N N4     . C A 1 1 ? 0.660   4.868   -10.280 1.00 0.00 ?  1 C S N4     1 
ATOM 20  C C5     . C A 1 1 ? 1.041   6.958   -9.341  1.00 0.00 ?  1 C S C5     1 
ATOM 21  C C6     . C A 1 1 ? 0.496   8.242   -9.123  1.00 0.00 ?  1 C S C6     1 
ATOM 22  H HOP3   . C A 1 1 ? 4.571   10.459  -8.261  1.00 0.00 ?  1 C S HOP3   1 
ATOM 23  H "H5'"  . C A 1 1 ? 1.733   12.272  -7.900  1.00 0.00 ?  1 C S "H5'"  1 
ATOM 24  H "H5''" . C A 1 1 ? 1.106   12.147  -6.214  1.00 0.00 ?  1 C S "H5''" 1 
ATOM 25  H "H4'"  . C A 1 1 ? -0.822  12.374  -7.672  1.00 0.00 ?  1 C S "H4'"  1 
ATOM 26  H "H3'"  . C A 1 1 ? -0.425  9.563   -6.628  1.00 0.00 ?  1 C S "H3'"  1 
ATOM 27  H "H2'"  . C A 1 1 ? -2.545  9.093   -7.758  1.00 0.00 ?  1 C S "H2'"  1 
ATOM 28  H "HO2'" . C A 1 1 ? -3.216  11.519  -7.332  1.00 0.00 ?  1 C S "HO2'" 1 
ATOM 29  H "H1'"  . C A 1 1 ? -1.763  10.307  -10.091 1.00 0.00 ?  1 C S "H1'"  1 
ATOM 30  H H41    . C A 1 1 ? 1.623   4.642   -10.138 1.00 0.00 ?  1 C S H41    1 
ATOM 31  H H42    . C A 1 1 ? 0.022   4.215   -10.688 1.00 0.00 ?  1 C S H42    1 
ATOM 32  H H5     . C A 1 1 ? 2.004   6.750   -8.898  1.00 0.00 ?  1 C S H5     1 
ATOM 33  H H6     . C A 1 1 ? 1.229   8.886   -8.661  1.00 0.00 ?  1 C S H6     1 
ATOM 34  P P      . C A 1 2 ? -2.107  10.237  -4.498  1.00 0.00 ?  2 C S P      1 
ATOM 35  O OP1    . C A 1 2 ? -2.495  11.273  -3.393  1.00 0.00 ?  2 C S OP1    1 
ATOM 36  O OP2    . C A 1 2 ? -0.923  9.402   -3.978  1.00 0.00 -1 2 C S OP2    1 
ATOM 37  O "O5'"  . C A 1 2 ? -3.339  9.287   -4.814  1.00 0.00 ?  2 C S "O5'"  1 
ATOM 38  C "C5'"  . C A 1 2 ? -4.615  9.963   -4.880  1.00 0.00 ?  2 C S "C5'"  1 
ATOM 39  C "C4'"  . C A 1 2 ? -5.568  9.044   -5.606  1.00 0.00 ?  2 C S "C4'"  1 
ATOM 40  O "O4'"  . C A 1 2 ? -5.153  8.535   -6.818  1.00 0.00 ?  2 C S "O4'"  1 
ATOM 41  C "C3'"  . C A 1 2 ? -5.764  7.828   -4.801  1.00 0.00 ?  2 C S "C3'"  1 
ATOM 42  O "O3'"  . C A 1 2 ? -6.690  8.101   -3.748  1.00 0.00 ?  2 C S "O3'"  1 
ATOM 43  C "C2'"  . C A 1 2 ? -6.347  6.892   -5.895  1.00 0.00 ?  2 C S "C2'"  1 
ATOM 44  O "O2'"  . C A 1 2 ? -7.680  7.203   -6.167  1.00 0.00 ?  2 C S "O2'"  1 
ATOM 45  C "C1'"  . C A 1 2 ? -5.539  7.181   -7.109  1.00 0.00 ?  2 C S "C1'"  1 
ATOM 46  N N1     . C A 1 2 ? -4.356  6.294   -7.219  1.00 0.00 ?  2 C S N1     1 
ATOM 47  C C2     . C A 1 2 ? -4.553  5.030   -7.771  1.00 0.00 ?  2 C S C2     1 
ATOM 48  O O2     . C A 1 2 ? -5.691  4.650   -8.110  1.00 0.00 ?  2 C S O2     1 
ATOM 49  N N3     . C A 1 2 ? -3.448  4.253   -7.890  1.00 0.00 ?  2 C S N3     1 
ATOM 50  C C4     . C A 1 2 ? -2.260  4.650   -7.496  1.00 0.00 ?  2 C S C4     1 
ATOM 51  N N4     . C A 1 2 ? -1.210  3.819   -7.677  1.00 0.00 ?  2 C S N4     1 
ATOM 52  C C5     . C A 1 2 ? -2.027  5.866   -6.883  1.00 0.00 ?  2 C S C5     1 
ATOM 53  C C6     . C A 1 2 ? -3.148  6.673   -6.769  1.00 0.00 ?  2 C S C6     1 
ATOM 54  H "H5'"  . C A 1 2 ? -4.504  10.993  -5.219  1.00 0.00 ?  2 C S "H5'"  1 
ATOM 55  H "H5''" . C A 1 2 ? -5.016  10.087  -3.875  1.00 0.00 ?  2 C S "H5''" 1 
ATOM 56  H "H4'"  . C A 1 2 ? -6.512  9.575   -5.733  1.00 0.00 ?  2 C S "H4'"  1 
ATOM 57  H "H3'"  . C A 1 2 ? -4.868  7.314   -4.452  1.00 0.00 ?  2 C S "H3'"  1 
ATOM 58  H "H2'"  . C A 1 2 ? -6.174  5.839   -5.673  1.00 0.00 ?  2 C S "H2'"  1 
ATOM 59  H "HO2'" . C A 1 2 ? -7.920  7.617   -5.349  1.00 0.00 ?  2 C S "HO2'" 1 
ATOM 60  H "H1'"  . C A 1 2 ? -6.094  7.191   -8.048  1.00 0.00 ?  2 C S "H1'"  1 
ATOM 61  H H41    . C A 1 2 ? -0.263  4.060   -7.469  1.00 0.00 ?  2 C S H41    1 
ATOM 62  H H42    . C A 1 2 ? -1.382  2.883   -7.986  1.00 0.00 ?  2 C S H42    1 
ATOM 63  H H5     . C A 1 2 ? -1.037  6.057   -6.495  1.00 0.00 ?  2 C S H5     1 
ATOM 64  H H6     . C A 1 2 ? -2.988  7.637   -6.309  1.00 0.00 ?  2 C S H6     1 
ATOM 65  P P      . G A 1 3 ? -6.636  7.243   -2.466  1.00 0.00 ?  3 G S P      1 
ATOM 66  O OP1    . G A 1 3 ? -7.550  7.932   -1.480  1.00 0.00 ?  3 G S OP1    1 
ATOM 67  O OP2    . G A 1 3 ? -5.186  7.172   -2.013  1.00 0.00 -1 3 G S OP2    1 
ATOM 68  O "O5'"  . G A 1 3 ? -7.201  5.856   -2.684  1.00 0.00 ?  3 G S "O5'"  1 
ATOM 69  C "C5'"  . G A 1 3 ? -8.592  5.667   -2.959  1.00 0.00 ?  3 G S "C5'"  1 
ATOM 70  C "C4'"  . G A 1 3 ? -8.983  4.376   -3.613  1.00 0.00 ?  3 G S "C4'"  1 
ATOM 71  O "O4'"  . G A 1 3 ? -8.175  4.128   -4.809  1.00 0.00 ?  3 G S "O4'"  1 
ATOM 72  C "C3'"  . G A 1 3 ? -8.558  3.213   -2.724  1.00 0.00 ?  3 G S "C3'"  1 
ATOM 73  O "O3'"  . G A 1 3 ? -9.469  3.034   -1.741  1.00 0.00 ?  3 G S "O3'"  1 
ATOM 74  C "C2'"  . G A 1 3 ? -8.486  2.077   -3.766  1.00 0.00 ?  3 G S "C2'"  1 
ATOM 75  O "O2'"  . G A 1 3 ? -9.784  1.637   -4.144  1.00 0.00 ?  3 G S "O2'"  1 
ATOM 76  C "C1'"  . G A 1 3 ? -7.782  2.756   -4.944  1.00 0.00 ?  3 G S "C1'"  1 
ATOM 77  N N9     . G A 1 3 ? -6.338  2.649   -4.945  1.00 0.00 ?  3 G S N9     1 
ATOM 78  C C8     . G A 1 3 ? -5.449  3.597   -4.631  1.00 0.00 ?  3 G S C8     1 
ATOM 79  N N7     . G A 1 3 ? -4.173  3.194   -4.783  1.00 0.00 ?  3 G S N7     1 
ATOM 80  C C5     . G A 1 3 ? -4.326  1.900   -5.242  1.00 0.00 ?  3 G S C5     1 
ATOM 81  C C6     . G A 1 3 ? -3.319  0.992   -5.613  1.00 0.00 ?  3 G S C6     1 
ATOM 82  O O6     . G A 1 3 ? -2.110  1.235   -5.586  1.00 0.00 ?  3 G S O6     1 
ATOM 83  N N1     . G A 1 3 ? -3.845  -0.249  -5.936  1.00 0.00 ?  3 G S N1     1 
ATOM 84  C C2     . G A 1 3 ? -5.135  -0.573  -6.032  1.00 0.00 ?  3 G S C2     1 
ATOM 85  N N2     . G A 1 3 ? -5.528  -1.801  -6.483  1.00 0.00 ?  3 G S N2     1 
ATOM 86  N N3     . G A 1 3 ? -6.102  0.325   -5.739  1.00 0.00 ?  3 G S N3     1 
ATOM 87  C C4     . G A 1 3 ? -5.664  1.559   -5.330  1.00 0.00 ?  3 G S C4     1 
ATOM 88  H "H5'"  . G A 1 3 ? -8.899  6.524   -3.559  1.00 0.00 ?  3 G S "H5'"  1 
ATOM 89  H "H5''" . G A 1 3 ? -9.049  5.646   -1.969  1.00 0.00 ?  3 G S "H5''" 1 
ATOM 90  H "H4'"  . G A 1 3 ? -10.050 4.307   -3.821  1.00 0.00 ?  3 G S "H4'"  1 
ATOM 91  H "H3'"  . G A 1 3 ? -7.625  3.350   -2.179  1.00 0.00 ?  3 G S "H3'"  1 
ATOM 92  H "H2'"  . G A 1 3 ? -7.934  1.235   -3.349  1.00 0.00 ?  3 G S "H2'"  1 
ATOM 93  H "HO2'" . G A 1 3 ? -10.310 1.794   -3.371  1.00 0.00 ?  3 G S "HO2'" 1 
ATOM 94  H "H1'"  . G A 1 3 ? -8.195  2.411   -5.892  1.00 0.00 ?  3 G S "H1'"  1 
ATOM 95  H H8     . G A 1 3 ? -5.846  4.528   -4.255  1.00 0.00 ?  3 G S H8     1 
ATOM 96  H H1     . G A 1 3 ? -3.112  -0.876  -6.106  1.00 0.00 ?  3 G S H1     1 
ATOM 97  H H21    . G A 1 3 ? -6.515  -1.911  -6.593  1.00 0.00 ?  3 G S H21    1 
ATOM 98  H H22    . G A 1 3 ? -4.953  -2.577  -6.744  1.00 0.00 ?  3 G S H22    1 
ATOM 99  P P      . C A 1 4 ? -9.041  2.352   -0.396  1.00 0.00 ?  4 C S P      1 
ATOM 100 O OP1    . C A 1 4 ? -10.247 2.530   0.598   1.00 0.00 ?  4 C S OP1    1 
ATOM 101 O OP2    . C A 1 4 ? -7.784  3.071   0.132   1.00 0.00 -1 4 C S OP2    1 
ATOM 102 O "O5'"  . C A 1 4 ? -8.808  0.859   -0.617  1.00 0.00 ?  4 C S "O5'"  1 
ATOM 103 C "C5'"  . C A 1 4 ? -9.921  0.052   -0.830  1.00 0.00 ?  4 C S "C5'"  1 
ATOM 104 C "C4'"  . C A 1 4 ? -9.374  -1.252  -1.382  1.00 0.00 ?  4 C S "C4'"  1 
ATOM 105 O "O4'"  . C A 1 4 ? -8.506  -1.021  -2.428  1.00 0.00 ?  4 C S "O4'"  1 
ATOM 106 C "C3'"  . C A 1 4 ? -8.615  -2.065  -0.368  1.00 0.00 ?  4 C S "C3'"  1 
ATOM 107 O "O3'"  . C A 1 4 ? -9.538  -2.748  0.547   1.00 0.00 ?  4 C S "O3'"  1 
ATOM 108 C "C2'"  . C A 1 4 ? -7.762  -2.923  -1.261  1.00 0.00 ?  4 C S "C2'"  1 
ATOM 109 O "O2'"  . C A 1 4 ? -8.439  -4.130  -1.495  1.00 0.00 ?  4 C S "O2'"  1 
ATOM 110 C "C1'"  . C A 1 4 ? -7.497  -2.010  -2.530  1.00 0.00 ?  4 C S "C1'"  1 
ATOM 111 N N1     . C A 1 4 ? -6.144  -1.368  -2.517  1.00 0.00 ?  4 C S N1     1 
ATOM 112 C C2     . C A 1 4 ? -5.017  -2.107  -2.859  1.00 0.00 ?  4 C S C2     1 
ATOM 113 O O2     . C A 1 4 ? -4.986  -3.306  -3.127  1.00 0.00 ?  4 C S O2     1 
ATOM 114 N N3     . C A 1 4 ? -3.807  -1.397  -2.864  1.00 0.00 ?  4 C S N3     1 
ATOM 115 C C4     . C A 1 4 ? -3.760  -0.180  -2.449  1.00 0.00 ?  4 C S C4     1 
ATOM 116 N N4     . C A 1 4 ? -2.516  0.339   -2.392  1.00 0.00 ?  4 C S N4     1 
ATOM 117 C C5     . C A 1 4 ? -4.842  0.527   -2.071  1.00 0.00 ?  4 C S C5     1 
ATOM 118 C C6     . C A 1 4 ? -6.060  -0.125  -2.142  1.00 0.00 ?  4 C S C6     1 
ATOM 119 H "H5'"  . C A 1 4 ? -10.636 0.517   -1.508  1.00 0.00 ?  4 C S "H5'"  1 
ATOM 120 H "H5''" . C A 1 4 ? -10.436 -0.053  0.126   1.00 0.00 ?  4 C S "H5''" 1 
ATOM 121 H "H4'"  . C A 1 4 ? -10.224 -1.780  -1.815  1.00 0.00 ?  4 C S "H4'"  1 
ATOM 122 H "H3'"  . C A 1 4 ? -7.979  -1.311  0.098   1.00 0.00 ?  4 C S "H3'"  1 
ATOM 123 H "H2'"  . C A 1 4 ? -6.812  -3.144  -0.774  1.00 0.00 ?  4 C S "H2'"  1 
ATOM 124 H "HO2'" . C A 1 4 ? -8.637  -4.503  -0.645  1.00 0.00 ?  4 C S "HO2'" 1 
ATOM 125 H "H1'"  . C A 1 4 ? -7.501  -2.617  -3.436  1.00 0.00 ?  4 C S "H1'"  1 
ATOM 126 H H41    . C A 1 4 ? -2.291  1.034   -1.709  1.00 0.00 ?  4 C S H41    1 
ATOM 127 H H42    . C A 1 4 ? -1.823  -0.160  -2.914  1.00 0.00 ?  4 C S H42    1 
ATOM 128 H H5     . C A 1 4 ? -4.791  1.504   -1.615  1.00 0.00 ?  4 C S H5     1 
ATOM 129 H H6     . C A 1 4 ? -6.881  0.498   -1.820  1.00 0.00 ?  4 C S H6     1 
ATOM 130 P P      . G A 1 5 ? -9.395  -2.426  2.116   1.00 0.00 ?  5 G S P      1 
ATOM 131 O OP1    . G A 1 5 ? -10.740 -2.608  2.730   1.00 0.00 ?  5 G S OP1    1 
ATOM 132 O OP2    . G A 1 5 ? -8.868  -0.965  2.216   1.00 0.00 -1 5 G S OP2    1 
ATOM 133 O "O5'"  . G A 1 5 ? -8.390  -3.374  2.924   1.00 0.00 ?  5 G S "O5'"  1 
ATOM 134 C "C5'"  . G A 1 5 ? -8.718  -4.808  2.921   1.00 0.00 ?  5 G S "C5'"  1 
ATOM 135 C "C4'"  . G A 1 5 ? -7.632  -5.462  2.085   1.00 0.00 ?  5 G S "C4'"  1 
ATOM 136 O "O4'"  . G A 1 5 ? -7.303  -4.692  1.007   1.00 0.00 ?  5 G S "O4'"  1 
ATOM 137 C "C3'"  . G A 1 5 ? -6.266  -5.784  2.689   1.00 0.00 ?  5 G S "C3'"  1 
ATOM 138 O "O3'"  . G A 1 5 ? -6.389  -6.987  3.432   1.00 0.00 ?  5 G S "O3'"  1 
ATOM 139 C "C2'"  . G A 1 5 ? -5.455  -6.108  1.445   1.00 0.00 ?  5 G S "C2'"  1 
ATOM 140 O "O2'"  . G A 1 5 ? -5.849  -7.360  0.987   1.00 0.00 ?  5 G S "O2'"  1 
ATOM 141 C "C1'"  . G A 1 5 ? -5.963  -4.953  0.518   1.00 0.00 ?  5 G S "C1'"  1 
ATOM 142 N N9     . G A 1 5 ? -5.194  -3.699  0.914   1.00 0.00 ?  5 G S N9     1 
ATOM 143 C C8     . G A 1 5 ? -5.444  -2.518  1.500   1.00 0.00 ?  5 G S C8     1 
ATOM 144 N N7     . G A 1 5 ? -4.435  -1.671  1.543   1.00 0.00 ?  5 G S N7     1 
ATOM 145 C C5     . G A 1 5 ? -3.391  -2.324  0.953   1.00 0.00 ?  5 G S C5     1 
ATOM 146 C C6     . G A 1 5 ? -2.045  -1.967  0.672   1.00 0.00 ?  5 G S C6     1 
ATOM 147 O O6     . G A 1 5 ? -1.453  -0.920  0.874   1.00 0.00 ?  5 G S O6     1 
ATOM 148 N N1     . G A 1 5 ? -1.363  -2.965  -0.017  1.00 0.00 ?  5 G S N1     1 
ATOM 149 C C2     . G A 1 5 ? -1.871  -4.150  -0.357  1.00 0.00 ?  5 G S C2     1 
ATOM 150 N N2     . G A 1 5 ? -1.091  -5.172  -0.829  1.00 0.00 ?  5 G S N2     1 
ATOM 151 N N3     . G A 1 5 ? -3.128  -4.461  -0.081  1.00 0.00 ?  5 G S N3     1 
ATOM 152 C C4     . G A 1 5 ? -3.871  -3.600  0.544   1.00 0.00 ?  5 G S C4     1 
ATOM 153 H "H5'"  . G A 1 5 ? -9.640  -5.040  2.389   1.00 0.00 ?  5 G S "H5'"  1 
ATOM 154 H "H5''" . G A 1 5 ? -8.743  -5.104  3.970   1.00 0.00 ?  5 G S "H5''" 1 
ATOM 155 H "H4'"  . G A 1 5 ? -8.081  -6.365  1.672   1.00 0.00 ?  5 G S "H4'"  1 
ATOM 156 H "H3'"  . G A 1 5 ? -5.779  -4.955  3.202   1.00 0.00 ?  5 G S "H3'"  1 
ATOM 157 H "H2'"  . G A 1 5 ? -4.379  -6.098  1.621   1.00 0.00 ?  5 G S "H2'"  1 
ATOM 158 H "HO2'" . G A 1 5 ? -5.623  -8.027  1.621   1.00 0.00 ?  5 G S "HO2'" 1 
ATOM 159 H "H1'"  . G A 1 5 ? -6.010  -5.170  -0.549  1.00 0.00 ?  5 G S "H1'"  1 
ATOM 160 H H8     . G A 1 5 ? -6.427  -2.341  1.911   1.00 0.00 ?  5 G S H8     1 
ATOM 161 H H1     . G A 1 5 ? -0.432  -2.686  -0.142  1.00 0.00 ?  5 G S H1     1 
ATOM 162 H H21    . G A 1 5 ? -1.421  -6.113  -0.898  1.00 0.00 ?  5 G S H21    1 
ATOM 163 H H22    . G A 1 5 ? -0.143  -5.032  -1.117  1.00 0.00 ?  5 G S H22    1 
ATOM 164 P P      . G A 1 6 ? -5.621  -7.082  4.823   1.00 0.00 ?  6 G S P      1 
ATOM 165 O OP1    . G A 1 6 ? -6.362  -8.094  5.648   1.00 0.00 ?  6 G S OP1    1 
ATOM 166 O OP2    . G A 1 6 ? -5.758  -5.723  5.461   1.00 0.00 -1 6 G S OP2    1 
ATOM 167 O "O5'"  . G A 1 6 ? -4.066  -7.394  4.691   1.00 0.00 ?  6 G S "O5'"  1 
ATOM 168 C "C5'"  . G A 1 6 ? -3.757  -8.790  4.440   1.00 0.00 ?  6 G S "C5'"  1 
ATOM 169 C "C4'"  . G A 1 6 ? -2.326  -8.992  4.258   1.00 0.00 ?  6 G S "C4'"  1 
ATOM 170 O "O4'"  . G A 1 6 ? -1.849  -8.219  3.161   1.00 0.00 ?  6 G S "O4'"  1 
ATOM 171 C "C3'"  . G A 1 6 ? -1.417  -8.351  5.349   1.00 0.00 ?  6 G S "C3'"  1 
ATOM 172 O "O3'"  . G A 1 6 ? -1.373  -9.306  6.380   1.00 0.00 ?  6 G S "O3'"  1 
ATOM 173 C "C2'"  . G A 1 6 ? -0.134  -8.271  4.716   1.00 0.00 ?  6 G S "C2'"  1 
ATOM 174 O "O2'"  . G A 1 6 ? 0.452   -9.462  4.449   1.00 0.00 ?  6 G S "O2'"  1 
ATOM 175 C "C1'"  . G A 1 6 ? -0.539  -7.670  3.385   1.00 0.00 ?  6 G S "C1'"  1 
ATOM 176 N N9     . G A 1 6 ? -0.658  -6.197  3.320   1.00 0.00 ?  6 G S N9     1 
ATOM 177 C C8     . G A 1 6 ? -1.785  -5.426  3.382   1.00 0.00 ?  6 G S C8     1 
ATOM 178 N N7     . G A 1 6 ? -1.502  -4.126  3.313   1.00 0.00 ?  6 G S N7     1 
ATOM 179 C C5     . G A 1 6 ? -0.109  -4.035  3.153   1.00 0.00 ?  6 G S C5     1 
ATOM 180 C C6     . G A 1 6 ? 0.803   -2.919  2.918   1.00 0.00 ?  6 G S C6     1 
ATOM 181 O O6     . G A 1 6 ? 0.501   -1.745  2.811   1.00 0.00 ?  6 G S O6     1 
ATOM 182 N N1     . G A 1 6 ? 2.111   -3.365  2.838   1.00 0.00 ?  6 G S N1     1 
ATOM 183 C C2     . G A 1 6 ? 2.526   -4.640  2.893   1.00 0.00 ?  6 G S C2     1 
ATOM 184 N N2     . G A 1 6 ? 3.823   -4.915  2.778   1.00 0.00 ?  6 G S N2     1 
ATOM 185 N N3     . G A 1 6 ? 1.669   -5.650  3.014   1.00 0.00 ?  6 G S N3     1 
ATOM 186 C C4     . G A 1 6 ? 0.394   -5.328  3.142   1.00 0.00 ?  6 G S C4     1 
ATOM 187 H "H5'"  . G A 1 6 ? -4.258  -9.214  3.570   1.00 0.00 ?  6 G S "H5'"  1 
ATOM 188 H "H5''" . G A 1 6 ? -4.093  -9.282  5.354   1.00 0.00 ?  6 G S "H5''" 1 
ATOM 189 H "H4'"  . G A 1 6 ? -2.122  -10.057 4.141   1.00 0.00 ?  6 G S "H4'"  1 
ATOM 190 H "H3'"  . G A 1 6 ? -1.844  -7.387  5.627   1.00 0.00 ?  6 G S "H3'"  1 
ATOM 191 H "H2'"  . G A 1 6 ? 0.599   -7.659  5.242   1.00 0.00 ?  6 G S "H2'"  1 
ATOM 192 H "HO2'" . G A 1 6 ? 0.133   -10.071 5.100   1.00 0.00 ?  6 G S "HO2'" 1 
ATOM 193 H "H1'"  . G A 1 6 ? 0.154   -7.952  2.590   1.00 0.00 ?  6 G S "H1'"  1 
ATOM 194 H H8     . G A 1 6 ? -2.780  -5.844  3.435   1.00 0.00 ?  6 G S H8     1 
ATOM 195 H H1     . G A 1 6 ? 2.780   -2.659  2.722   1.00 0.00 ?  6 G S H1     1 
ATOM 196 H H21    . G A 1 6 ? 4.142   -5.864  2.785   1.00 0.00 ?  6 G S H21    1 
ATOM 197 H H22    . G A 1 6 ? 4.559   -4.275  2.562   1.00 0.00 ?  6 G S H22    1 
ATOM 198 P P      . C A 1 7 ? -1.074  -8.820  7.834   1.00 0.00 ?  7 C S P      1 
ATOM 199 O OP1    . C A 1 7 ? -1.330  -10.001 8.802   1.00 0.00 ?  7 C S OP1    1 
ATOM 200 O OP2    . C A 1 7 ? -2.068  -7.708  8.189   1.00 0.00 -1 7 C S OP2    1 
ATOM 201 O "O5'"  . C A 1 7 ? 0.398   -8.351  8.091   1.00 0.00 ?  7 C S "O5'"  1 
ATOM 202 C "C5'"  . C A 1 7 ? 1.400   -9.348  8.143   1.00 0.00 ?  7 C S "C5'"  1 
ATOM 203 C "C4'"  . C A 1 7 ? 2.753   -8.682  7.711   1.00 0.00 ?  7 C S "C4'"  1 
ATOM 204 O "O4'"  . C A 1 7 ? 2.720   -7.871  6.555   1.00 0.00 ?  7 C S "O4'"  1 
ATOM 205 C "C3'"  . C A 1 7 ? 3.091   -7.709  8.809   1.00 0.00 ?  7 C S "C3'"  1 
ATOM 206 O "O3'"  . C A 1 7 ? 3.682   -8.328  9.955   1.00 0.00 ?  7 C S "O3'"  1 
ATOM 207 C "C2'"  . C A 1 7 ? 4.111   -6.836  8.120   1.00 0.00 ?  7 C S "C2'"  1 
ATOM 208 O "O2'"  . C A 1 7 ? 5.362   -7.472  7.937   1.00 0.00 ?  7 C S "O2'"  1 
ATOM 209 C "C1'"  . C A 1 7 ? 3.502   -6.691  6.760   1.00 0.00 ?  7 C S "C1'"  1 
ATOM 210 N N1     . C A 1 7 ? 2.672   -5.407  6.606   1.00 0.00 ?  7 C S N1     1 
ATOM 211 C C2     . C A 1 7 ? 3.248   -4.194  6.409   1.00 0.00 ?  7 C S C2     1 
ATOM 212 O O2     . C A 1 7 ? 4.446   -4.147  6.440   1.00 0.00 ?  7 C S O2     1 
ATOM 213 N N3     . C A 1 7 ? 2.425   -3.082  6.205   1.00 0.00 ?  7 C S N3     1 
ATOM 214 C C4     . C A 1 7 ? 1.104   -3.185  6.267   1.00 0.00 ?  7 C S C4     1 
ATOM 215 N N4     . C A 1 7 ? 0.349   -2.053  5.942   1.00 0.00 ?  7 C S N4     1 
ATOM 216 C C5     . C A 1 7 ? 0.505   -4.415  6.471   1.00 0.00 ?  7 C S C5     1 
ATOM 217 C C6     . C A 1 7 ? 1.361   -5.497  6.621   1.00 0.00 ?  7 C S C6     1 
ATOM 218 H "H5'"  . C A 1 7 ? 1.145   -10.155 7.455   1.00 0.00 ?  7 C S "H5'"  1 
ATOM 219 H "H5''" . C A 1 7 ? 1.496   -9.833  9.115   1.00 0.00 ?  7 C S "H5''" 1 
ATOM 220 H "H4'"  . C A 1 7 ? 3.587   -9.383  7.694   1.00 0.00 ?  7 C S "H4'"  1 
ATOM 221 H "H3'"  . C A 1 7 ? 2.306   -7.003  9.082   1.00 0.00 ?  7 C S "H3'"  1 
ATOM 222 H "H2'"  . C A 1 7 ? 4.369   -5.884  8.587   1.00 0.00 ?  7 C S "H2'"  1 
ATOM 223 H "HO2'" . C A 1 7 ? 5.387   -8.092  8.655   1.00 0.00 ?  7 C S "HO2'" 1 
ATOM 224 H "H1'"  . C A 1 7 ? 4.230   -6.562  5.959   1.00 0.00 ?  7 C S "H1'"  1 
ATOM 225 H H41    . C A 1 7 ? -0.641  -2.190  5.959   1.00 0.00 ?  7 C S H41    1 
ATOM 226 H H42    . C A 1 7 ? 0.803   -1.204  5.670   1.00 0.00 ?  7 C S H42    1 
ATOM 227 H H5     . C A 1 7 ? -0.563  -4.568  6.526   1.00 0.00 ?  7 C S H5     1 
ATOM 228 H H6     . C A 1 7 ? 0.766   -6.385  6.776   1.00 0.00 ?  7 C S H6     1 
ATOM 229 P P      . G A 1 8 ? 3.536   -7.682  11.304  1.00 0.00 ?  8 G S P      1 
ATOM 230 O OP1    . G A 1 8 ? 3.859   -8.835  12.316  1.00 0.00 ?  8 G S OP1    1 
ATOM 231 O OP2    . G A 1 8 ? 2.089   -7.159  11.452  1.00 0.00 -1 8 G S OP2    1 
ATOM 232 O "O5'"  . G A 1 8 ? 4.448   -6.466  11.437  1.00 0.00 ?  8 G S "O5'"  1 
ATOM 233 C "C5'"  . G A 1 8 ? 5.820   -6.801  11.495  1.00 0.00 ?  8 G S "C5'"  1 
ATOM 234 C "C4'"  . G A 1 8 ? 6.614   -5.534  11.284  1.00 0.00 ?  8 G S "C4'"  1 
ATOM 235 O "O4'"  . G A 1 8 ? 6.273   -4.841  10.059  1.00 0.00 ?  8 G S "O4'"  1 
ATOM 236 C "C3'"  . G A 1 8 ? 6.296   -4.470  12.346  1.00 0.00 ?  8 G S "C3'"  1 
ATOM 237 O "O3'"  . G A 1 8 ? 7.047   -4.667  13.536  1.00 0.00 ?  8 G S "O3'"  1 
ATOM 238 C "C2'"  . G A 1 8 ? 6.786   -3.250  11.616  1.00 0.00 ?  8 G S "C2'"  1 
ATOM 239 O "O2'"  . G A 1 8 ? 8.239   -3.195  11.564  1.00 0.00 ?  8 G S "O2'"  1 
ATOM 240 C "C1'"  . G A 1 8 ? 6.337   -3.460  10.145  1.00 0.00 ?  8 G S "C1'"  1 
ATOM 241 N N9     . G A 1 8 ? 4.991   -2.950  9.883   1.00 0.00 ?  8 G S N9     1 
ATOM 242 C C8     . G A 1 8 ? 3.837   -3.599  9.854   1.00 0.00 ?  8 G S C8     1 
ATOM 243 N N7     . G A 1 8 ? 2.792   -2.833  9.511   1.00 0.00 ?  8 G S N7     1 
ATOM 244 C C5     . G A 1 8 ? 3.321   -1.547  9.378   1.00 0.00 ?  8 G S C5     1 
ATOM 245 C C6     . G A 1 8 ? 2.761   -0.276  9.075   1.00 0.00 ?  8 G S C6     1 
ATOM 246 O O6     . G A 1 8 ? 1.574   0.022   8.839   1.00 0.00 ?  8 G S O6     1 
ATOM 247 N N1     . G A 1 8 ? 3.695   0.728   9.048   1.00 0.00 ?  8 G S N1     1 
ATOM 248 C C2     . G A 1 8 ? 5.010   0.574   9.271   1.00 0.00 ?  8 G S C2     1 
ATOM 249 N N2     . G A 1 8 ? 5.820   1.631   9.291   1.00 0.00 ?  8 G S N2     1 
ATOM 250 N N3     . G A 1 8 ? 5.523   -0.624  9.597   1.00 0.00 ?  8 G S N3     1 
ATOM 251 C C4     . G A 1 8 ? 4.663   -1.624  9.627   1.00 0.00 ?  8 G S C4     1 
ATOM 252 H "H5'"  . G A 1 8 ? 6.105   -7.562  10.769  1.00 0.00 ?  8 G S "H5'"  1 
ATOM 253 H "H5''" . G A 1 8 ? 5.983   -7.115  12.526  1.00 0.00 ?  8 G S "H5''" 1 
ATOM 254 H "H4'"  . G A 1 8 ? 7.652   -5.866  11.283  1.00 0.00 ?  8 G S "H4'"  1 
ATOM 255 H "H3'"  . G A 1 8 ? 5.238   -4.337  12.575  1.00 0.00 ?  8 G S "H3'"  1 
ATOM 256 H "H2'"  . G A 1 8 ? 6.320   -2.351  12.019  1.00 0.00 ?  8 G S "H2'"  1 
ATOM 257 H "HO2'" . G A 1 8 ? 8.559   -3.455  12.418  1.00 0.00 ?  8 G S "HO2'" 1 
ATOM 258 H "H1'"  . G A 1 8 ? 7.089   -3.081  9.453   1.00 0.00 ?  8 G S "H1'"  1 
ATOM 259 H H8     . G A 1 8 ? 3.641   -4.638  10.075  1.00 0.00 ?  8 G S H8     1 
ATOM 260 H H1     . G A 1 8 ? 3.360   1.647   9.010   1.00 0.00 ?  8 G S H1     1 
ATOM 261 H H21    . G A 1 8 ? 6.769   1.501   9.576   1.00 0.00 ?  8 G S H21    1 
ATOM 262 H H22    . G A 1 8 ? 5.457   2.558   9.185   1.00 0.00 ?  8 G S H22    1 
ATOM 263 P P      . G A 1 9 ? 6.465   -4.149  14.883  1.00 0.00 ?  9 G S P      1 
ATOM 264 O OP1    . G A 1 9 ? 7.256   -4.898  15.943  1.00 0.00 ?  9 G S OP1    1 
ATOM 265 O OP2    . G A 1 9 ? 4.979   -4.492  14.938  1.00 0.00 -1 9 G S OP2    1 
ATOM 266 O "O5'"  . G A 1 9 ? 6.663   -2.603  14.921  1.00 0.00 ?  9 G S "O5'"  1 
ATOM 267 C "C5'"  . G A 1 9 ? 8.004   -2.136  15.174  1.00 0.00 ?  9 G S "C5'"  1 
ATOM 268 C "C4'"  . G A 1 9 ? 7.929   -0.648  14.849  1.00 0.00 ?  9 G S "C4'"  1 
ATOM 269 O "O4'"  . G A 1 9 ? 7.553   -0.294  13.526  1.00 0.00 ?  9 G S "O4'"  1 
ATOM 270 C "C3'"  . G A 1 9 ? 7.011   0.166   15.728  1.00 0.00 ?  9 G S "C3'"  1 
ATOM 271 O "O3'"  . G A 1 9 ? 7.775   0.542   16.890  1.00 0.00 -1 9 G S "O3'"  1 
ATOM 272 C "C2'"  . G A 1 9 ? 6.812   1.456   14.880  1.00 0.00 ?  9 G S "C2'"  1 
ATOM 273 O "O2'"  . G A 1 9 ? 7.868   2.373   15.091  1.00 0.00 ?  9 G S "O2'"  1 
ATOM 274 C "C1'"  . G A 1 9 ? 6.787   0.870   13.466  1.00 0.00 ?  9 G S "C1'"  1 
ATOM 275 N N9     . G A 1 9 ? 5.353   0.536   13.180  1.00 0.00 ?  9 G S N9     1 
ATOM 276 C C8     . G A 1 9 ? 4.650   -0.611  13.149  1.00 0.00 ?  9 G S C8     1 
ATOM 277 N N7     . G A 1 9 ? 3.391   -0.512  12.681  1.00 0.00 ?  9 G S N7     1 
ATOM 278 C C5     . G A 1 9 ? 3.232   0.807   12.414  1.00 0.00 ?  9 G S C5     1 
ATOM 279 C C6     . G A 1 9 ? 2.062   1.528   11.910  1.00 0.00 ?  9 G S C6     1 
ATOM 280 O O6     . G A 1 9 ? 0.935   1.090   11.726  1.00 0.00 ?  9 G S O6     1 
ATOM 281 N N1     . G A 1 9 ? 2.344   2.917   11.821  1.00 0.00 ?  9 G S N1     1 
ATOM 282 C C2     . G A 1 9 ? 3.496   3.482   12.141  1.00 0.00 ?  9 G S C2     1 
ATOM 283 N N2     . G A 1 9 ? 3.692   4.848   12.076  1.00 0.00 ?  9 G S N2     1 
ATOM 284 N N3     . G A 1 9 ? 4.604   2.814   12.595  1.00 0.00 ?  9 G S N3     1 
ATOM 285 C C4     . G A 1 9 ? 4.446   1.508   12.714  1.00 0.00 ?  9 G S C4     1 
ATOM 286 H "H5'"  . G A 1 9 ? 8.705   -2.655  14.520  1.00 0.00 ?  9 G S "H5'"  1 
ATOM 287 H "H5''" . G A 1 9 ? 8.307   -2.211  16.218  1.00 0.00 ?  9 G S "H5''" 1 
ATOM 288 H "H4'"  . G A 1 9 ? 8.937   -0.302  15.079  1.00 0.00 ?  9 G S "H4'"  1 
ATOM 289 H "H3'"  . G A 1 9 ? 6.074   -0.340  15.956  1.00 0.00 ?  9 G S "H3'"  1 
ATOM 290 H "H2'"  . G A 1 9 ? 5.844   1.884   15.143  1.00 0.00 ?  9 G S "H2'"  1 
ATOM 291 H "HO2'" . G A 1 9 ? 8.061   2.356   16.019  1.00 0.00 ?  9 G S "HO2'" 1 
ATOM 292 H "H1'"  . G A 1 9 ? 7.123   1.578   12.708  1.00 0.00 ?  9 G S "H1'"  1 
ATOM 293 H H8     . G A 1 9 ? 5.018   -1.575  13.468  1.00 0.00 ?  9 G S H8     1 
ATOM 294 H H1     . G A 1 9 ? 1.628   3.525   11.541  1.00 0.00 ?  9 G S H1     1 
ATOM 295 H H21    . G A 1 9 ? 4.634   5.137   11.899  1.00 0.00 ?  9 G S H21    1 
ATOM 296 H H22    . G A 1 9 ? 2.994   5.561   12.130  1.00 0.00 ?  9 G S H22    1 
ATOM 297 O OP3    . C B 1 1 ? -6.170  8.468   9.654   1.00 0.00 ?  1 C A OP3    1 
ATOM 298 P P      . C B 1 1 ? -5.349  8.121   8.354   1.00 0.00 ?  1 C A P      1 
ATOM 299 O OP1    . C B 1 1 ? -5.616  9.032   7.129   1.00 0.00 ?  1 C A OP1    1 
ATOM 300 O OP2    . C B 1 1 ? -5.402  6.651   7.852   1.00 0.00 -1 1 C A OP2    1 
ATOM 301 O "O5'"  . C B 1 1 ? -3.888  8.376   8.657   1.00 0.00 ?  1 C A "O5'"  1 
ATOM 302 C "C5'"  . C B 1 1 ? -3.374  9.654   8.873   1.00 0.00 ?  1 C A "C5'"  1 
ATOM 303 C "C4'"  . C B 1 1 ? -1.951  9.718   9.395   1.00 0.00 ?  1 C A "C4'"  1 
ATOM 304 O "O4'"  . C B 1 1 ? -1.894  8.885   10.583  1.00 0.00 ?  1 C A "O4'"  1 
ATOM 305 C "C3'"  . C B 1 1 ? -0.952  9.051   8.529   1.00 0.00 ?  1 C A "C3'"  1 
ATOM 306 O "O3'"  . C B 1 1 ? -0.570  9.991   7.538   1.00 0.00 ?  1 C A "O3'"  1 
ATOM 307 C "C2'"  . C B 1 1 ? 0.198   8.732   9.473   1.00 0.00 ?  1 C A "C2'"  1 
ATOM 308 O "O2'"  . C B 1 1 ? 0.949   9.888   9.756   1.00 0.00 ?  1 C A "O2'"  1 
ATOM 309 C "C1'"  . C B 1 1 ? -0.624  8.222   10.736  1.00 0.00 ?  1 C A "C1'"  1 
ATOM 310 N N1     . C B 1 1 ? -0.884  6.763   10.778  1.00 0.00 ?  1 C A N1     1 
ATOM 311 C C2     . C B 1 1 ? 0.206   6.004   11.185  1.00 0.00 ?  1 C A C2     1 
ATOM 312 O O2     . C B 1 1 ? 1.339   6.439   11.439  1.00 0.00 ?  1 C A O2     1 
ATOM 313 N N3     . C B 1 1 ? 0.013   4.616   11.228  1.00 0.00 ?  1 C A N3     1 
ATOM 314 C C4     . C B 1 1 ? -1.171  4.034   10.887  1.00 0.00 ?  1 C A C4     1 
ATOM 315 N N4     . C B 1 1 ? -1.312  2.735   11.017  1.00 0.00 ?  1 C A N4     1 
ATOM 316 C C5     . C B 1 1 ? -2.192  4.822   10.470  1.00 0.00 ?  1 C A C5     1 
ATOM 317 C C6     . C B 1 1 ? -2.055  6.191   10.444  1.00 0.00 ?  1 C A C6     1 
ATOM 318 H HOP3   . C B 1 1 ? -6.414  7.703   10.159  1.00 0.00 ?  1 C A HOP3   1 
ATOM 319 H "H5'"  . C B 1 1 ? -4.022  10.151  9.596   1.00 0.00 ?  1 C A "H5'"  1 
ATOM 320 H "H5''" . C B 1 1 ? -3.550  10.218  7.958   1.00 0.00 ?  1 C A "H5''" 1 
ATOM 321 H "H4'"  . C B 1 1 ? -1.604  10.702  9.713   1.00 0.00 ?  1 C A "H4'"  1 
ATOM 322 H "H3'"  . C B 1 1 ? -1.393  8.214   7.987   1.00 0.00 ?  1 C A "H3'"  1 
ATOM 323 H "H2'"  . C B 1 1 ? 0.908   7.995   9.094   1.00 0.00 ?  1 C A "H2'"  1 
ATOM 324 H "HO2'" . C B 1 1 ? 0.784   10.539  9.088   1.00 0.00 ?  1 C A "HO2'" 1 
ATOM 325 H "H1'"  . C B 1 1 ? -0.277  8.567   11.710  1.00 0.00 ?  1 C A "H1'"  1 
ATOM 326 H H41    . C B 1 1 ? -2.185  2.299   10.801  1.00 0.00 ?  1 C A H41    1 
ATOM 327 H H42    . C B 1 1 ? -0.559  2.225   11.435  1.00 0.00 ?  1 C A H42    1 
ATOM 328 H H5     . C B 1 1 ? -3.141  4.490   10.077  1.00 0.00 ?  1 C A H5     1 
ATOM 329 H H6     . C B 1 1 ? -2.866  6.797   10.067  1.00 0.00 ?  1 C A H6     1 
ATOM 330 P P      . C B 1 2 ? -0.024  9.440   6.212   1.00 0.00 ?  2 C A P      1 
ATOM 331 O OP1    . C B 1 2 ? -0.021  10.554  5.174   1.00 0.00 ?  2 C A OP1    1 
ATOM 332 O OP2    . C B 1 2 ? -1.012  8.313   5.764   1.00 0.00 -1 2 C A OP2    1 
ATOM 333 O "O5'"  . C B 1 2 ? 1.388   8.840   6.269   1.00 0.00 ?  2 C A "O5'"  1 
ATOM 334 C "C5'"  . C B 1 2 ? 2.458   9.638   6.495   1.00 0.00 ?  2 C A "C5'"  1 
ATOM 335 C "C4'"  . C B 1 2 ? 3.590   8.782   7.139   1.00 0.00 ?  2 C A "C4'"  1 
ATOM 336 O "O4'"  . C B 1 2 ? 3.265   7.991   8.246   1.00 0.00 ?  2 C A "O4'"  1 
ATOM 337 C "C3'"  . C B 1 2 ? 4.100   7.791   6.142   1.00 0.00 ?  2 C A "C3'"  1 
ATOM 338 O "O3'"  . C B 1 2 ? 4.929   8.391   5.184   1.00 0.00 ?  2 C A "O3'"  1 
ATOM 339 C "C2'"  . C B 1 2 ? 4.851   6.838   6.973   1.00 0.00 ?  2 C A "C2'"  1 
ATOM 340 O "O2'"  . C B 1 2 ? 6.138   7.448   7.169   1.00 0.00 ?  2 C A "O2'"  1 
ATOM 341 C "C1'"  . C B 1 2 ? 4.001   6.788   8.251   1.00 0.00 ?  2 C A "C1'"  1 
ATOM 342 N N1     . C B 1 2 ? 3.124   5.605   8.188   1.00 0.00 ?  2 C A N1     1 
ATOM 343 C C2     . C B 1 2 ? 3.568   4.420   8.552   1.00 0.00 ?  2 C A C2     1 
ATOM 344 O O2     . C B 1 2 ? 4.726   4.263   8.921   1.00 0.00 ?  2 C A O2     1 
ATOM 345 N N3     . C B 1 2 ? 2.653   3.343   8.556   1.00 0.00 ?  2 C A N3     1 
ATOM 346 C C4     . C B 1 2 ? 1.381   3.548   8.253   1.00 0.00 ?  2 C A C4     1 
ATOM 347 N N4     . C B 1 2 ? 0.601   2.470   8.315   1.00 0.00 ?  2 C A N4     1 
ATOM 348 C C5     . C B 1 2 ? 0.901   4.784   7.865   1.00 0.00 ?  2 C A C5     1 
ATOM 349 C C6     . C B 1 2 ? 1.805   5.802   7.841   1.00 0.00 ?  2 C A C6     1 
ATOM 350 H "H5'"  . C B 1 2 ? 2.093   10.495  7.063   1.00 0.00 ?  2 C A "H5'"  1 
ATOM 351 H "H5''" . C B 1 2 ? 2.840   9.985   5.534   1.00 0.00 ?  2 C A "H5''" 1 
ATOM 352 H "H4'"  . C B 1 2 ? 4.374   9.485   7.418   1.00 0.00 ?  2 C A "H4'"  1 
ATOM 353 H "H3'"  . C B 1 2 ? 3.272   7.279   5.654   1.00 0.00 ?  2 C A "H3'"  1 
ATOM 354 H "H2'"  . C B 1 2 ? 4.994   5.872   6.488   1.00 0.00 ?  2 C A "H2'"  1 
ATOM 355 H "HO2'" . C B 1 2 ? 6.853   6.825   7.177   1.00 0.00 ?  2 C A "HO2'" 1 
ATOM 356 H "H1'"  . C B 1 2 ? 4.517   6.777   9.211   1.00 0.00 ?  2 C A "H1'"  1 
ATOM 357 H H41    . C B 1 2 ? -0.383  2.573   8.463   1.00 0.00 ?  2 C A H41    1 
ATOM 358 H H42    . C B 1 2 ? 0.976   1.550   8.210   1.00 0.00 ?  2 C A H42    1 
ATOM 359 H H5     . C B 1 2 ? -0.136  4.935   7.605   1.00 0.00 ?  2 C A H5     1 
ATOM 360 H H6     . C B 1 2 ? 1.452   6.742   7.442   1.00 0.00 ?  2 C A H6     1 
ATOM 361 P P      . G B 1 3 ? 4.968   7.793   3.739   1.00 0.00 ?  3 G A P      1 
ATOM 362 O OP1    . G B 1 3 ? 5.559   8.861   2.795   1.00 0.00 ?  3 G A OP1    1 
ATOM 363 O OP2    . G B 1 3 ? 3.578   7.391   3.119   1.00 0.00 -1 3 G A OP2    1 
ATOM 364 O "O5'"  . G B 1 3 ? 5.875   6.572   3.729   1.00 0.00 ?  3 G A "O5'"  1 
ATOM 365 C "C5'"  . G B 1 3 ? 7.287   6.770   3.878   1.00 0.00 ?  3 G A "C5'"  1 
ATOM 366 C "C4'"  . G B 1 3 ? 7.851   5.389   4.413   1.00 0.00 ?  3 G A "C4'"  1 
ATOM 367 O "O4'"  . G B 1 3 ? 7.136   4.872   5.516   1.00 0.00 ?  3 G A "O4'"  1 
ATOM 368 C "C3'"  . G B 1 3 ? 7.659   4.341   3.355   1.00 0.00 ?  3 G A "C3'"  1 
ATOM 369 O "O3'"  . G B 1 3 ? 8.612   4.503   2.263   1.00 0.00 ?  3 G A "O3'"  1 
ATOM 370 C "C2'"  . G B 1 3 ? 7.892   3.125   4.139   1.00 0.00 ?  3 G A "C2'"  1 
ATOM 371 O "O2'"  . G B 1 3 ? 9.259   3.021   4.457   1.00 0.00 ?  3 G A "O2'"  1 
ATOM 372 C "C1'"  . G B 1 3 ? 7.105   3.443   5.380   1.00 0.00 ?  3 G A "C1'"  1 
ATOM 373 N N9     . G B 1 3 ? 5.723   2.963   5.379   1.00 0.00 ?  3 G A N9     1 
ATOM 374 C C8     . G B 1 3 ? 4.587   3.728   5.220   1.00 0.00 ?  3 G A C8     1 
ATOM 375 N N7     . G B 1 3 ? 3.409   3.038   5.317   1.00 0.00 ?  3 G A N7     1 
ATOM 376 C C5     . G B 1 3 ? 3.838   1.723   5.590   1.00 0.00 ?  3 G A C5     1 
ATOM 377 C C6     . G B 1 3 ? 3.124   0.500   5.810   1.00 0.00 ?  3 G A C6     1 
ATOM 378 O O6     . G B 1 3 ? 1.870   0.455   5.796   1.00 0.00 ?  3 G A O6     1 
ATOM 379 N N1     . G B 1 3 ? 3.906   -0.596  5.989   1.00 0.00 ?  3 G A N1     1 
ATOM 380 C C2     . G B 1 3 ? 5.202   -0.563  5.977   1.00 0.00 ?  3 G A C2     1 
ATOM 381 N N2     . G B 1 3 ? 5.934   -1.679  6.064   1.00 0.00 ?  3 G A N2     1 
ATOM 382 N N3     . G B 1 3 ? 5.933   0.538   5.788   1.00 0.00 ?  3 G A N3     1 
ATOM 383 C C4     . G B 1 3 ? 5.291   1.685   5.585   1.00 0.00 ?  3 G A C4     1 
ATOM 384 H "H5'"  . G B 1 3 ? 7.387   7.497   4.685   1.00 0.00 ?  3 G A "H5'"  1 
ATOM 385 H "H5''" . G B 1 3 ? 7.728   6.996   2.908   1.00 0.00 ?  3 G A "H5''" 1 
ATOM 386 H "H4'"  . G B 1 3 ? 8.918   5.424   4.632   1.00 0.00 ?  3 G A "H4'"  1 
ATOM 387 H "H3'"  . G B 1 3 ? 6.643   4.443   2.973   1.00 0.00 ?  3 G A "H3'"  1 
ATOM 388 H "H2'"  . G B 1 3 ? 7.559   2.152   3.778   1.00 0.00 ?  3 G A "H2'"  1 
ATOM 389 H "HO2'" . G B 1 3 ? 9.756   3.183   3.666   1.00 0.00 ?  3 G A "HO2'" 1 
ATOM 390 H "H1'"  . G B 1 3 ? 7.447   2.983   6.308   1.00 0.00 ?  3 G A "H1'"  1 
ATOM 391 H H8     . G B 1 3 ? 4.633   4.768   4.929   1.00 0.00 ?  3 G A H8     1 
ATOM 392 H H1     . G B 1 3 ? 3.418   -1.436  6.112   1.00 0.00 ?  3 G A H1     1 
ATOM 393 H H21    . G B 1 3 ? 6.923   -1.615  6.192   1.00 0.00 ?  3 G A H21    1 
ATOM 394 H H22    . G B 1 3 ? 5.468   -2.563  6.034   1.00 0.00 ?  3 G A H22    1 
ATOM 395 P P      . C B 1 4 ? 8.258   4.121   0.866   1.00 0.00 ?  4 C A P      1 
ATOM 396 O OP1    . C B 1 4 ? 9.371   4.806   0.003   1.00 0.00 ?  4 C A OP1    1 
ATOM 397 O OP2    . C B 1 4 ? 6.891   4.757   0.498   1.00 0.00 -1 4 C A OP2    1 
ATOM 398 O "O5'"  . C B 1 4 ? 8.289   2.572   0.678   1.00 0.00 ?  4 C A "O5'"  1 
ATOM 399 C "C5'"  . C B 1 4 ? 9.558   1.866   0.712   1.00 0.00 ?  4 C A "C5'"  1 
ATOM 400 C "C4'"  . C B 1 4 ? 9.283   0.426   1.125   1.00 0.00 ?  4 C A "C4'"  1 
ATOM 401 O "O4'"  . C B 1 4 ? 8.467   0.325   2.289   1.00 0.00 ?  4 C A "O4'"  1 
ATOM 402 C "C3'"  . C B 1 4 ? 8.668   -0.339  0.041   1.00 0.00 ?  4 C A "C3'"  1 
ATOM 403 O "O3'"  . C B 1 4 ? 9.622   -0.665  -0.936  1.00 0.00 ?  4 C A "O3'"  1 
ATOM 404 C "C2'"  . C B 1 4 ? 8.158   -1.532  0.837   1.00 0.00 ?  4 C A "C2'"  1 
ATOM 405 O "O2'"  . C B 1 4 ? 9.202   -2.457  0.880   1.00 0.00 ?  4 C A "O2'"  1 
ATOM 406 C "C1'"  . C B 1 4 ? 7.695   -0.869  2.205   1.00 0.00 ?  4 C A "C1'"  1 
ATOM 407 N N1     . C B 1 4 ? 6.270   -0.532  2.231   1.00 0.00 ?  4 C A N1     1 
ATOM 408 C C2     . C B 1 4 ? 5.311   -1.534  2.450   1.00 0.00 ?  4 C A C2     1 
ATOM 409 O O2     . C B 1 4 ? 5.607   -2.753  2.620   1.00 0.00 ?  4 C A O2     1 
ATOM 410 N N3     . C B 1 4 ? 4.022   -1.144  2.547   1.00 0.00 ?  4 C A N3     1 
ATOM 411 C C4     . C B 1 4 ? 3.654   0.152   2.433   1.00 0.00 ?  4 C A C4     1 
ATOM 412 N N4     . C B 1 4 ? 2.390   0.509   2.607   1.00 0.00 ?  4 C A N4     1 
ATOM 413 C C5     . C B 1 4 ? 4.566   1.151   2.184   1.00 0.00 ?  4 C A C5     1 
ATOM 414 C C6     . C B 1 4 ? 5.886   0.762   2.084   1.00 0.00 ?  4 C A C6     1 
ATOM 415 H "H5'"  . C B 1 4 ? 10.254  2.377   1.377   1.00 0.00 ?  4 C A "H5'"  1 
ATOM 416 H "H5''" . C B 1 4 ? 10.078  2.017   -0.234  1.00 0.00 ?  4 C A "H5''" 1 
ATOM 417 H "H4'"  . C B 1 4 ? 10.244  -0.051  1.314   1.00 0.00 ?  4 C A "H4'"  1 
ATOM 418 H "H3'"  . C B 1 4 ? 7.859   0.182   -0.470  1.00 0.00 ?  4 C A "H3'"  1 
ATOM 419 H "H2'"  . C B 1 4 ? 7.296   -2.036  0.401   1.00 0.00 ?  4 C A "H2'"  1 
ATOM 420 H "HO2'" . C B 1 4 ? 9.622   -2.493  0.030   1.00 0.00 ?  4 C A "HO2'" 1 
ATOM 421 H "H1'"  . C B 1 4 ? 7.960   -1.565  3.001   1.00 0.00 ?  4 C A "H1'"  1 
ATOM 422 H H41    . C B 1 4 ? 2.105   1.407   2.273   1.00 0.00 ?  4 C A H41    1 
ATOM 423 H H42    . C B 1 4 ? 1.686   -0.033  3.068   1.00 0.00 ?  4 C A H42    1 
ATOM 424 H H5     . C B 1 4 ? 4.174   2.154   2.112   1.00 0.00 ?  4 C A H5     1 
ATOM 425 H H6     . C B 1 4 ? 6.601   1.563   1.965   1.00 0.00 ?  4 C A H6     1 
ATOM 426 P P      . G B 1 5 ? 9.382   -0.237  -2.417  1.00 0.00 ?  5 G A P      1 
ATOM 427 O OP1    . G B 1 5 ? 10.751  0.012   -3.087  1.00 0.00 ?  5 G A OP1    1 
ATOM 428 O OP2    . G B 1 5 ? 8.692   1.144   -2.430  1.00 0.00 -1 5 G A OP2    1 
ATOM 429 O "O5'"  . G B 1 5 ? 8.598   -1.288  -3.214  1.00 0.00 ?  5 G A "O5'"  1 
ATOM 430 C "C5'"  . G B 1 5 ? 9.237   -2.510  -3.508  1.00 0.00 ?  5 G A "C5'"  1 
ATOM 431 C "C4'"  . G B 1 5 ? 8.604   -3.667  -2.765  1.00 0.00 ?  5 G A "C4'"  1 
ATOM 432 O "O4'"  . G B 1 5 ? 8.004   -3.453  -1.565  1.00 0.00 ?  5 G A "O4'"  1 
ATOM 433 C "C3'"  . G B 1 5 ? 7.420   -4.270  -3.500  1.00 0.00 ?  5 G A "C3'"  1 
ATOM 434 O "O3'"  . G B 1 5 ? 7.849   -4.877  -4.676  1.00 0.00 ?  5 G A "O3'"  1 
ATOM 435 C "C2'"  . G B 1 5 ? 6.963   -5.301  -2.541  1.00 0.00 ?  5 G A "C2'"  1 
ATOM 436 O "O2'"  . G B 1 5 ? 7.871   -6.399  -2.328  1.00 0.00 ?  5 G A "O2'"  1 
ATOM 437 C "C1'"  . G B 1 5 ? 6.978   -4.459  -1.309  1.00 0.00 ?  5 G A "C1'"  1 
ATOM 438 N N9     . G B 1 5 ? 5.673   -3.885  -1.065  1.00 0.00 ?  5 G A N9     1 
ATOM 439 C C8     . G B 1 5 ? 5.224   -2.641  -1.234  1.00 0.00 ?  5 G A C8     1 
ATOM 440 N N7     . G B 1 5 ? 3.883   -2.462  -1.008  1.00 0.00 ?  5 G A N7     1 
ATOM 441 C C5     . G B 1 5 ? 3.443   -3.782  -0.749  1.00 0.00 ?  5 G A C5     1 
ATOM 442 C C6     . G B 1 5 ? 2.161   -4.333  -0.435  1.00 0.00 ?  5 G A C6     1 
ATOM 443 O O6     . G B 1 5 ? 1.114   -3.732  -0.228  1.00 0.00 ?  5 G A O6     1 
ATOM 444 N N1     . G B 1 5 ? 2.242   -5.700  -0.186  1.00 0.00 ?  5 G A N1     1 
ATOM 445 C C2     . G B 1 5 ? 3.373   -6.467  -0.212  1.00 0.00 ?  5 G A C2     1 
ATOM 446 N N2     . G B 1 5 ? 3.295   -7.694  0.186   1.00 0.00 ?  5 G A N2     1 
ATOM 447 N N3     . G B 1 5 ? 4.566   -5.955  -0.484  1.00 0.00 ?  5 G A N3     1 
ATOM 448 C C4     . G B 1 5 ? 4.566   -4.627  -0.771  1.00 0.00 ?  5 G A C4     1 
ATOM 449 H "H5'"  . G B 1 5 ? 10.299  -2.375  -3.300  1.00 0.00 ?  5 G A "H5'"  1 
ATOM 450 H "H5''" . G B 1 5 ? 9.212   -2.761  -4.568  1.00 0.00 ?  5 G A "H5''" 1 
ATOM 451 H "H4'"  . G B 1 5 ? 9.378   -4.433  -2.720  1.00 0.00 ?  5 G A "H4'"  1 
ATOM 452 H "H3'"  . G B 1 5 ? 6.635   -3.544  -3.713  1.00 0.00 ?  5 G A "H3'"  1 
ATOM 453 H "H2'"  . G B 1 5 ? 6.000   -5.748  -2.789  1.00 0.00 ?  5 G A "H2'"  1 
ATOM 454 H "HO2'" . G B 1 5 ? 7.831   -7.033  -3.033  1.00 0.00 ?  5 G A "HO2'" 1 
ATOM 455 H "H1'"  . G B 1 5 ? 7.182   -4.931  -0.348  1.00 0.00 ?  5 G A "H1'"  1 
ATOM 456 H H8     . G B 1 5 ? 5.974   -1.959  -1.607  1.00 0.00 ?  5 G A H8     1 
ATOM 457 H H1     . G B 1 5 ? 1.481   -6.198  0.178   1.00 0.00 ?  5 G A H1     1 
ATOM 458 H H21    . G B 1 5 ? 2.391   -8.092  0.344   1.00 0.00 ?  5 G A H21    1 
ATOM 459 H H22    . G B 1 5 ? 4.164   -8.176  0.300   1.00 0.00 ?  5 G A H22    1 
ATOM 460 P P      . G B 1 6 ? 6.955   -4.734  -5.974  1.00 0.00 ?  6 G A P      1 
ATOM 461 O OP1    . G B 1 6 ? 7.755   -5.227  -7.194  1.00 0.00 ?  6 G A OP1    1 
ATOM 462 O OP2    . G B 1 6 ? 6.681   -3.229  -6.031  1.00 0.00 -1 6 G A OP2    1 
ATOM 463 O "O5'"  . G B 1 6 ? 5.569   -5.415  -5.866  1.00 0.00 ?  6 G A "O5'"  1 
ATOM 464 C "C5'"  . G B 1 6 ? 5.525   -6.831  -5.864  1.00 0.00 ?  6 G A "C5'"  1 
ATOM 465 C "C4'"  . G B 1 6 ? 4.109   -7.319  -5.685  1.00 0.00 ?  6 G A "C4'"  1 
ATOM 466 O "O4'"  . G B 1 6 ? 3.530   -6.882  -4.510  1.00 0.00 ?  6 G A "O4'"  1 
ATOM 467 C "C3'"  . G B 1 6 ? 3.092   -6.774  -6.731  1.00 0.00 ?  6 G A "C3'"  1 
ATOM 468 O "O3'"  . G B 1 6 ? 3.183   -7.536  -7.960  1.00 0.00 ?  6 G A "O3'"  1 
ATOM 469 C "C2'"  . G B 1 6 ? 1.722   -6.954  -6.046  1.00 0.00 ?  6 G A "C2'"  1 
ATOM 470 O "O2'"  . G B 1 6 ? 1.451   -8.310  -6.153  1.00 0.00 ?  6 G A "O2'"  1 
ATOM 471 C "C1'"  . G B 1 6 ? 2.095   -6.584  -4.607  1.00 0.00 ?  6 G A "C1'"  1 
ATOM 472 N N9     . G B 1 6 ? 1.912   -5.158  -4.339  1.00 0.00 ?  6 G A N9     1 
ATOM 473 C C8     . G B 1 6 ? 2.813   -4.185  -4.171  1.00 0.00 ?  6 G A C8     1 
ATOM 474 N N7     . G B 1 6 ? 2.229   -2.979  -3.783  1.00 0.00 ?  6 G A N7     1 
ATOM 475 C C5     . G B 1 6 ? 0.861   -3.254  -3.739  1.00 0.00 ?  6 G A C5     1 
ATOM 476 C C6     . G B 1 6 ? -0.252  -2.445  -3.404  1.00 0.00 ?  6 G A C6     1 
ATOM 477 O O6     . G B 1 6 ? -0.288  -1.221  -3.162  1.00 0.00 ?  6 G A O6     1 
ATOM 478 N N1     . G B 1 6 ? -1.479  -3.098  -3.361  1.00 0.00 ?  6 G A N1     1 
ATOM 479 C C2     . G B 1 6 ? -1.602  -4.436  -3.705  1.00 0.00 ?  6 G A C2     1 
ATOM 480 N N2     . G B 1 6 ? -2.806  -5.029  -3.792  1.00 0.00 ?  6 G A N2     1 
ATOM 481 N N3     . G B 1 6 ? -0.572  -5.253  -4.059  1.00 0.00 ?  6 G A N3     1 
ATOM 482 C C4     . G B 1 6 ? 0.681   -4.596  -4.089  1.00 0.00 ?  6 G A C4     1 
ATOM 483 H "H5'"  . G B 1 6 ? 6.267   -7.235  -5.175  1.00 0.00 ?  6 G A "H5'"  1 
ATOM 484 H "H5''" . G B 1 6 ? 5.738   -7.155  -6.883  1.00 0.00 ?  6 G A "H5''" 1 
ATOM 485 H "H4'"  . G B 1 6 ? 4.117   -8.408  -5.672  1.00 0.00 ?  6 G A "H4'"  1 
ATOM 486 H "H3'"  . G B 1 6 ? 3.068   -5.694  -6.880  1.00 0.00 ?  6 G A "H3'"  1 
ATOM 487 H "H2'"  . G B 1 6 ? 0.889   -6.344  -6.395  1.00 0.00 ?  6 G A "H2'"  1 
ATOM 488 H "HO2'" . G B 1 6 ? 1.860   -8.669  -6.929  1.00 0.00 ?  6 G A "HO2'" 1 
ATOM 489 H "H1'"  . G B 1 6 ? 1.584   -7.154  -3.832  1.00 0.00 ?  6 G A "H1'"  1 
ATOM 490 H H8     . G B 1 6 ? 3.867   -4.336  -4.353  1.00 0.00 ?  6 G A H8     1 
ATOM 491 H H1     . G B 1 6 ? -2.305  -2.585  -3.240  1.00 0.00 ?  6 G A H1     1 
ATOM 492 H H21    . G B 1 6 ? -2.839  -5.927  -4.229  1.00 0.00 ?  6 G A H21    1 
ATOM 493 H H22    . G B 1 6 ? -3.654  -4.715  -3.364  1.00 0.00 ?  6 G A H22    1 
ATOM 494 P P      . C B 1 7 ? 2.801   -6.845  -9.296  1.00 0.00 ?  7 C A P      1 
ATOM 495 O OP1    . C B 1 7 ? 3.231   -7.761  -10.457 1.00 0.00 ?  7 C A OP1    1 
ATOM 496 O OP2    . C B 1 7 ? 3.425   -5.453  -9.393  1.00 0.00 -1 7 C A OP2    1 
ATOM 497 O "O5'"  . C B 1 7 ? 1.260   -6.693  -9.345  1.00 0.00 ?  7 C A "O5'"  1 
ATOM 498 C "C5'"  . C B 1 7 ? 0.396   -7.815  -9.465  1.00 0.00 ?  7 C A "C5'"  1 
ATOM 499 C "C4'"  . C B 1 7 ? -1.001  -7.466  -9.063  1.00 0.00 ?  7 C A "C4'"  1 
ATOM 500 O "O4'"  . C B 1 7 ? -1.082  -6.865  -7.833  1.00 0.00 ?  7 C A "O4'"  1 
ATOM 501 C "C3'"  . C B 1 7 ? -1.551  -6.459  -10.096 1.00 0.00 ?  7 C A "C3'"  1 
ATOM 502 O "O3'"  . C B 1 7 ? -1.911  -7.076  -11.351 1.00 0.00 ?  7 C A "O3'"  1 
ATOM 503 C "C2'"  . C B 1 7 ? -2.745  -5.954  -9.378  1.00 0.00 ?  7 C A "C2'"  1 
ATOM 504 O "O2'"  . C B 1 7 ? -3.844  -6.885  -9.444  1.00 0.00 ?  7 C A "O2'"  1 
ATOM 505 C "C1'"  . C B 1 7 ? -2.124  -5.897  -7.944  1.00 0.00 ?  7 C A "C1'"  1 
ATOM 506 N N1     . C B 1 7 ? -1.561  -4.548  -7.529  1.00 0.00 ?  7 C A N1     1 
ATOM 507 C C2     . C B 1 7 ? -2.474  -3.584  -7.130  1.00 0.00 ?  7 C A C2     1 
ATOM 508 O O2     . C B 1 7 ? -3.692  -3.831  -7.113  1.00 0.00 ?  7 C A O2     1 
ATOM 509 N N3     . C B 1 7 ? -1.959  -2.356  -6.687  1.00 0.00 ?  7 C A N3     1 
ATOM 510 C C4     . C B 1 7 ? -0.673  -2.160  -6.668  1.00 0.00 ?  7 C A C4     1 
ATOM 511 N N4     . C B 1 7 ? -0.200  -1.000  -6.245  1.00 0.00 ?  7 C A N4     1 
ATOM 512 C C5     . C B 1 7 ? 0.210   -3.110  -7.093  1.00 0.00 ?  7 C A C5     1 
ATOM 513 C C6     . C B 1 7 ? -0.280  -4.336  -7.525  1.00 0.00 ?  7 C A C6     1 
ATOM 514 H "H5'"  . C B 1 7 ? 0.811   -8.639  -8.884  1.00 0.00 ?  7 C A "H5'"  1 
ATOM 515 H "H5''" . C B 1 7 ? 0.473   -7.999  -10.537 1.00 0.00 ?  7 C A "H5''" 1 
ATOM 516 H "H4'"  . C B 1 7 ? -1.573  -8.394  -9.083  1.00 0.00 ?  7 C A "H4'"  1 
ATOM 517 H "H3'"  . C B 1 7 ? -0.890  -5.597  -10.196 1.00 0.00 ?  7 C A "H3'"  1 
ATOM 518 H "H2'"  . C B 1 7 ? -3.090  -4.973  -9.707  1.00 0.00 ?  7 C A "H2'"  1 
ATOM 519 H "HO2'" . C B 1 7 ? -3.801  -7.242  -10.321 1.00 0.00 ?  7 C A "HO2'" 1 
ATOM 520 H "H1'"  . C B 1 7 ? -2.854  -6.204  -7.195  1.00 0.00 ?  7 C A "H1'"  1 
ATOM 521 H H41    . C B 1 7 ? 0.796   -0.930  -6.311  1.00 0.00 ?  7 C A H41    1 
ATOM 522 H H42    . C B 1 7 ? -0.810  -0.272  -5.933  1.00 0.00 ?  7 C A H42    1 
ATOM 523 H H5     . C B 1 7 ? 1.271   -2.922  -7.155  1.00 0.00 ?  7 C A H5     1 
ATOM 524 H H6     . C B 1 7 ? 0.441   -4.986  -7.997  1.00 0.00 ?  7 C A H6     1 
ATOM 525 P P      . G B 1 8 ? -1.948  -6.196  -12.546 1.00 0.00 ?  8 G A P      1 
ATOM 526 O OP1    . G B 1 8 ? -2.148  -7.005  -13.879 1.00 0.00 ?  8 G A OP1    1 
ATOM 527 O OP2    . G B 1 8 ? -0.584  -5.396  -12.639 1.00 0.00 -1 8 G A OP2    1 
ATOM 528 O "O5'"  . G B 1 8 ? -3.109  -5.195  -12.554 1.00 0.00 ?  8 G A "O5'"  1 
ATOM 529 C "C5'"  . G B 1 8 ? -4.389  -5.742  -12.751 1.00 0.00 ?  8 G A "C5'"  1 
ATOM 530 C "C4'"  . G B 1 8 ? -5.415  -4.762  -12.255 1.00 0.00 ?  8 G A "C4'"  1 
ATOM 531 O "O4'"  . G B 1 8 ? -5.234  -4.282  -10.923 1.00 0.00 ?  8 G A "O4'"  1 
ATOM 532 C "C3'"  . G B 1 8 ? -5.449  -3.498  -13.029 1.00 0.00 ?  8 G A "C3'"  1 
ATOM 533 O "O3'"  . G B 1 8 ? -6.125  -3.683  -14.252 1.00 0.00 ?  8 G A "O3'"  1 
ATOM 534 C "C2'"  . G B 1 8 ? -6.124  -2.489  -12.122 1.00 0.00 ?  8 G A "C2'"  1 
ATOM 535 O "O2'"  . G B 1 8 ? -7.523  -2.537  -12.320 1.00 0.00 ?  8 G A "O2'"  1 
ATOM 536 C "C1'"  . G B 1 8 ? -5.574  -2.911  -10.749 1.00 0.00 ?  8 G A "C1'"  1 
ATOM 537 N N9     . G B 1 8 ? -4.389  -2.126  -10.404 1.00 0.00 ?  8 G A N9     1 
ATOM 538 C C8     . G B 1 8 ? -3.089  -2.523  -10.448 1.00 0.00 ?  8 G A C8     1 
ATOM 539 N N7     . G B 1 8 ? -2.297  -1.571  -9.947  1.00 0.00 ?  8 G A N7     1 
ATOM 540 C C5     . G B 1 8 ? -3.047  -0.536  -9.560  1.00 0.00 ?  8 G A C5     1 
ATOM 541 C C6     . G B 1 8 ? -2.797  0.745   -8.972  1.00 0.00 ?  8 G A C6     1 
ATOM 542 O O6     . G B 1 8 ? -1.690  1.120   -8.652  1.00 0.00 ?  8 G A O6     1 
ATOM 543 N N1     . G B 1 8 ? -3.898  1.552   -8.805  1.00 0.00 ?  8 G A N1     1 
ATOM 544 C C2     . G B 1 8 ? -5.127  1.185   -9.111  1.00 0.00 ?  8 G A C2     1 
ATOM 545 N N2     . G B 1 8 ? -6.184  1.984   -8.995  1.00 0.00 ?  8 G A N2     1 
ATOM 546 N N3     . G B 1 8 ? -5.414  0.018   -9.646  1.00 0.00 ?  8 G A N3     1 
ATOM 547 C C4     . G B 1 8 ? -4.392  -0.845  -9.845  1.00 0.00 ?  8 G A C4     1 
ATOM 548 H "H5'"  . G B 1 8 ? -4.441  -6.781  -12.425 1.00 0.00 ?  8 G A "H5'"  1 
ATOM 549 H "H5''" . G B 1 8 ? -4.579  -5.891  -13.815 1.00 0.00 ?  8 G A "H5''" 1 
ATOM 550 H "H4'"  . G B 1 8 ? -6.380  -5.267  -12.224 1.00 0.00 ?  8 G A "H4'"  1 
ATOM 551 H "H3'"  . G B 1 8 ? -4.420  -3.182  -13.201 1.00 0.00 ?  8 G A "H3'"  1 
ATOM 552 H "H2'"  . G B 1 8 ? -5.916  -1.426  -12.241 1.00 0.00 ?  8 G A "H2'"  1 
ATOM 553 H "HO2'" . G B 1 8 ? -7.827  -3.435  -12.288 1.00 0.00 ?  8 G A "HO2'" 1 
ATOM 554 H "H1'"  . G B 1 8 ? -6.284  -2.848  -9.923  1.00 0.00 ?  8 G A "H1'"  1 
ATOM 555 H H8     . G B 1 8 ? -2.700  -3.353  -11.018 1.00 0.00 ?  8 G A H8     1 
ATOM 556 H H1     . G B 1 8 ? -3.828  2.468   -8.464  1.00 0.00 ?  8 G A H1     1 
ATOM 557 H H21    . G B 1 8 ? -7.045  1.766   -9.456  1.00 0.00 ?  8 G A H21    1 
ATOM 558 H H22    . G B 1 8 ? -6.141  2.793   -8.409  1.00 0.00 ?  8 G A H22    1 
ATOM 559 P P      . G B 1 9 ? -5.651  -2.787  -15.432 1.00 0.00 ?  9 G A P      1 
ATOM 560 O OP1    . G B 1 9 ? -6.234  -3.424  -16.707 1.00 0.00 ?  9 G A OP1    1 
ATOM 561 O OP2    . G B 1 9 ? -4.086  -2.797  -15.574 1.00 0.00 -1 9 G A OP2    1 
ATOM 562 O "O5'"  . G B 1 9 ? -6.155  -1.337  -15.468 1.00 0.00 ?  9 G A "O5'"  1 
ATOM 563 C "C5'"  . G B 1 9 ? -7.522  -1.067  -15.443 1.00 0.00 ?  9 G A "C5'"  1 
ATOM 564 C "C4'"  . G B 1 9 ? -7.832  0.248   -14.852 1.00 0.00 ?  9 G A "C4'"  1 
ATOM 565 O "O4'"  . G B 1 9 ? -7.390  0.427   -13.512 1.00 0.00 ?  9 G A "O4'"  1 
ATOM 566 C "C3'"  . G B 1 9 ? -7.187  1.362   -15.627 1.00 0.00 ?  9 G A "C3'"  1 
ATOM 567 O "O3'"  . G B 1 9 ? -7.934  1.674   -16.777 1.00 0.00 -1 9 G A "O3'"  1 
ATOM 568 C "C2'"  . G B 1 9 ? -7.154  2.518   -14.624 1.00 0.00 ?  9 G A "C2'"  1 
ATOM 569 O "O2'"  . G B 1 9 ? -8.416  3.161   -14.609 1.00 0.00 ?  9 G A "O2'"  1 
ATOM 570 C "C1'"  . G B 1 9 ? -6.971  1.808   -13.311 1.00 0.00 ?  9 G A "C1'"  1 
ATOM 571 N N9     . G B 1 9 ? -5.518  1.748   -13.031 1.00 0.00 ?  9 G A N9     1 
ATOM 572 C C8     . G B 1 9 ? -4.626  0.771   -13.188 1.00 0.00 ?  9 G A C8     1 
ATOM 573 N N7     . G B 1 9 ? -3.406  1.034   -12.672 1.00 0.00 ?  9 G A N7     1 
ATOM 574 C C5     . G B 1 9 ? -3.455  2.322   -12.175 1.00 0.00 ?  9 G A C5     1 
ATOM 575 C C6     . G B 1 9 ? -2.508  3.157   -11.533 1.00 0.00 ?  9 G A C6     1 
ATOM 576 O O6     . G B 1 9 ? -1.333  2.873   -11.335 1.00 0.00 ?  9 G A O6     1 
ATOM 577 N N1     . G B 1 9 ? -2.993  4.404   -11.231 1.00 0.00 ?  9 G A N1     1 
ATOM 578 C C2     . G B 1 9 ? -4.260  4.786   -11.526 1.00 0.00 ?  9 G A C2     1 
ATOM 579 N N2     . G B 1 9 ? -4.719  6.022   -11.198 1.00 0.00 ?  9 G A N2     1 
ATOM 580 N N3     . G B 1 9 ? -5.176  4.022   -12.080 1.00 0.00 ?  9 G A N3     1 
ATOM 581 C C4     . G B 1 9 ? -4.796  2.801   -12.422 1.00 0.00 ?  9 G A C4     1 
ATOM 582 H "H5'"  . G B 1 9 ? -8.016  -1.765  -14.768 1.00 0.00 ?  9 G A "H5'"  1 
ATOM 583 H "H5''" . G B 1 9 ? -7.988  -1.151  -16.424 1.00 0.00 ?  9 G A "H5''" 1 
ATOM 584 H "H4'"  . G B 1 9 ? -8.906  0.433   -14.880 1.00 0.00 ?  9 G A "H4'"  1 
ATOM 585 H "H3'"  . G B 1 9 ? -6.183  1.045   -15.908 1.00 0.00 ?  9 G A "H3'"  1 
ATOM 586 H "H2'"  . G B 1 9 ? -6.355  3.229   -14.831 1.00 0.00 ?  9 G A "H2'"  1 
ATOM 587 H "HO2'" . G B 1 9 ? -8.695  3.198   -15.514 1.00 0.00 ?  9 G A "HO2'" 1 
ATOM 588 H "H1'"  . G B 1 9 ? -7.512  2.228   -12.464 1.00 0.00 ?  9 G A "H1'"  1 
ATOM 589 H H8     . G B 1 9 ? -4.900  -0.115  -13.741 1.00 0.00 ?  9 G A H8     1 
ATOM 590 H H1     . G B 1 9 ? -2.350  4.998   -10.790 1.00 0.00 ?  9 G A H1     1 
ATOM 591 H H21    . G B 1 9 ? -5.674  6.319   -11.237 1.00 0.00 ?  9 G A H21    1 
ATOM 592 H H22    . G B 1 9 ? -4.149  6.780   -10.877 1.00 0.00 ?  9 G A H22    1 
# 
